data_6ICA
#
_entry.id   6ICA
#
_cell.length_a   84.424
_cell.length_b   121.913
_cell.length_c   130.812
_cell.angle_alpha   90.00
_cell.angle_beta   90.00
_cell.angle_gamma   90.00
#
_symmetry.space_group_name_H-M   'P 21 21 21'
#
loop_
_entity.id
_entity.type
_entity.pdbx_description
1 polymer Aminopeptidase
2 non-polymer 'SULFATE ION'
3 non-polymer GLYCEROL
4 non-polymer 'ZINC ION'
5 non-polymer 'ACETATE ION'
6 water water
#
_entity_poly.entity_id   1
_entity_poly.type   'polypeptide(L)'
_entity_poly.pdbx_seq_one_letter_code
;MFAIFVSSGSIKNDLNNLGEDMRFNQWMTCITSGLILASNSSFATTSPVHEQLQVPQCLAAKITVPHKILAENKEFKIID
VLSSDVETLTILADKVSCGHFVNVSHKLTGTLAANQQQSAQKLLQKKLVKPFGVSKLHKDVYEIKHEEEVNAALKEIVSD
NIWQTLTHMTSYYNRSATKDTGVDTANWLKSKFEQMAVEYGRTDTSTFFVKTGWYKQPSLVTVIGKDIKAPAIVIGAHMD
TLDGRMPGAGDDGSGSSSIMEAARVILSSKTTFKRPIYFIWYAAEERGLVGSQHVVQHFQEQSIPVKAVVQFDMTGYRND
ANDPTMWVFTDYTDRDLSNYLAKLIDHYIHVPVDYSRCGYGCSDHASWNEEDIPAAFPCETSFADHNPYIHTSSDKMDLL
NLEHMTNFSKLAVAFAIELASELEHHHHHH
;
_entity_poly.pdbx_strand_id   A,B,C
#
loop_
_chem_comp.id
_chem_comp.type
_chem_comp.name
_chem_comp.formula
ACT non-polymer 'ACETATE ION' 'C2 H3 O2 -1'
GOL non-polymer GLYCEROL 'C3 H8 O3'
SO4 non-polymer 'SULFATE ION' 'O4 S -2'
ZN non-polymer 'ZINC ION' 'Zn 2'
#
# COMPACT_ATOMS: atom_id res chain seq x y z
N SER A 47 19.96 57.16 17.59
CA SER A 47 19.82 55.79 18.09
C SER A 47 19.61 54.74 16.99
N PRO A 48 18.78 55.02 15.98
CA PRO A 48 18.68 53.93 15.00
C PRO A 48 19.97 53.80 14.21
N VAL A 49 20.41 52.57 13.97
CA VAL A 49 21.69 52.32 13.34
C VAL A 49 21.63 52.60 11.84
N HIS A 50 22.65 53.29 11.33
CA HIS A 50 22.79 53.55 9.91
C HIS A 50 23.85 52.63 9.37
N GLU A 51 23.71 52.22 8.11
CA GLU A 51 24.73 51.44 7.44
C GLU A 51 24.98 52.03 6.06
N GLN A 52 26.17 51.80 5.53
CA GLN A 52 26.50 52.32 4.22
C GLN A 52 26.76 51.17 3.25
N LEU A 53 26.12 51.29 2.08
CA LEU A 53 26.13 50.22 1.09
C LEU A 53 26.66 50.70 -0.25
N GLN A 54 27.50 49.89 -0.88
CA GLN A 54 27.88 50.12 -2.26
C GLN A 54 26.91 49.39 -3.20
N VAL A 55 26.29 50.16 -4.09
CA VAL A 55 25.20 49.67 -4.93
C VAL A 55 25.44 49.96 -6.41
N PRO A 56 25.28 48.96 -7.29
CA PRO A 56 25.39 49.20 -8.73
C PRO A 56 24.33 50.19 -9.19
N GLN A 57 24.69 51.03 -10.16
CA GLN A 57 23.79 52.07 -10.65
C GLN A 57 22.45 51.54 -11.13
N CYS A 58 22.48 50.39 -11.82
CA CYS A 58 21.25 49.78 -12.35
C CYS A 58 20.25 49.47 -11.25
N LEU A 59 20.76 49.12 -10.07
CA LEU A 59 19.89 48.84 -8.93
C LEU A 59 19.56 50.12 -8.16
N ALA A 60 20.56 50.98 -7.96
CA ALA A 60 20.36 52.19 -7.18
C ALA A 60 19.29 53.12 -7.74
N ALA A 61 19.16 53.15 -9.06
CA ALA A 61 18.18 54.00 -9.73
C ALA A 61 16.74 53.63 -9.39
N LYS A 62 16.54 52.44 -8.84
CA LYS A 62 15.20 51.96 -8.58
C LYS A 62 14.87 51.94 -7.09
N ILE A 63 15.78 52.45 -6.28
CA ILE A 63 15.59 52.45 -4.83
C ILE A 63 14.60 53.53 -4.39
N THR A 64 13.59 53.13 -3.61
CA THR A 64 12.59 54.08 -3.15
C THR A 64 12.64 54.32 -1.64
N VAL A 65 13.29 53.45 -0.89
CA VAL A 65 13.39 53.68 0.56
C VAL A 65 14.24 54.93 0.78
N PRO A 66 14.03 55.62 1.91
CA PRO A 66 14.84 56.83 2.18
C PRO A 66 16.34 56.50 2.27
N HIS A 67 17.18 57.36 1.73
CA HIS A 67 18.63 57.16 1.72
C HIS A 67 19.36 58.43 1.34
N LYS A 68 20.59 58.59 1.82
CA LYS A 68 21.46 59.67 1.34
C LYS A 68 22.54 59.06 0.46
N ILE A 69 22.85 59.77 -0.62
CA ILE A 69 23.93 59.38 -1.50
C ILE A 69 25.21 60.00 -0.99
N LEU A 70 26.20 59.18 -0.68
CA LEU A 70 27.45 59.69 -0.15
C LEU A 70 28.39 60.03 -1.29
N ALA A 71 28.34 59.22 -2.34
CA ALA A 71 29.26 59.35 -3.46
C ALA A 71 28.77 58.50 -4.62
N GLU A 72 29.25 58.80 -5.82
CA GLU A 72 28.72 58.15 -6.99
C GLU A 72 29.76 58.17 -8.12
N ASN A 73 29.87 57.07 -8.87
CA ASN A 73 30.63 57.13 -10.12
C ASN A 73 29.82 56.42 -11.22
N LYS A 74 30.42 56.15 -12.36
CA LYS A 74 29.65 55.61 -13.48
C LYS A 74 28.95 54.28 -13.13
N GLU A 75 29.62 53.47 -12.32
CA GLU A 75 29.14 52.11 -12.09
C GLU A 75 28.42 51.94 -10.74
N PHE A 76 28.77 52.77 -9.73
CA PHE A 76 28.26 52.56 -8.36
C PHE A 76 27.75 53.83 -7.69
N LYS A 77 26.79 53.66 -6.79
CA LYS A 77 26.55 54.65 -5.75
C LYS A 77 26.93 54.04 -4.42
N ILE A 78 27.42 54.87 -3.50
CA ILE A 78 27.50 54.50 -2.11
C ILE A 78 26.43 55.29 -1.35
N ILE A 79 25.53 54.56 -0.70
CA ILE A 79 24.39 55.19 -0.06
C ILE A 79 24.35 54.94 1.44
N ASP A 80 23.64 55.80 2.14
CA ASP A 80 23.42 55.63 3.56
C ASP A 80 21.98 55.30 3.82
N VAL A 81 21.74 54.19 4.50
CA VAL A 81 20.37 53.78 4.81
C VAL A 81 20.23 53.34 6.27
N LEU A 82 19.01 53.35 6.78
CA LEU A 82 18.70 52.70 8.04
C LEU A 82 18.94 51.19 7.95
N SER A 83 19.55 50.65 9.00
CA SER A 83 19.72 49.21 9.14
C SER A 83 18.41 48.44 8.90
N SER A 84 17.29 49.03 9.30
CA SER A 84 16.00 48.36 9.17
C SER A 84 15.47 48.36 7.74
N ASP A 85 16.12 49.08 6.84
CA ASP A 85 15.68 49.12 5.44
C ASP A 85 16.51 48.28 4.52
N VAL A 86 17.60 47.70 5.03
CA VAL A 86 18.56 46.98 4.21
C VAL A 86 17.91 45.77 3.53
N GLU A 87 17.05 45.09 4.27
CA GLU A 87 16.41 43.86 3.79
C GLU A 87 15.47 44.07 2.59
N THR A 88 14.78 45.21 2.56
CA THR A 88 13.90 45.55 1.45
C THR A 88 14.73 45.73 0.18
N LEU A 89 15.95 46.22 0.36
CA LEU A 89 16.86 46.37 -0.78
CA LEU A 89 16.86 46.37 -0.78
C LEU A 89 17.24 45.01 -1.36
N THR A 90 17.38 44.01 -0.49
CA THR A 90 17.72 42.65 -0.92
C THR A 90 16.59 42.09 -1.80
N ILE A 91 15.35 42.29 -1.35
CA ILE A 91 14.17 41.82 -2.09
C ILE A 91 14.03 42.57 -3.42
N LEU A 92 14.25 43.88 -3.39
CA LEU A 92 14.28 44.66 -4.63
C LEU A 92 15.39 44.16 -5.58
N ALA A 93 16.57 43.90 -5.04
CA ALA A 93 17.68 43.42 -5.88
C ALA A 93 17.31 42.10 -6.55
N ASP A 94 16.58 41.23 -5.84
CA ASP A 94 16.13 39.95 -6.41
C ASP A 94 15.25 40.14 -7.63
N LYS A 95 14.38 41.15 -7.62
CA LYS A 95 13.48 41.36 -8.75
C LYS A 95 14.19 42.16 -9.85
N VAL A 96 15.10 43.05 -9.48
CA VAL A 96 15.80 43.81 -10.49
C VAL A 96 16.79 42.91 -11.24
N SER A 97 17.37 41.94 -10.55
CA SER A 97 18.29 40.97 -11.15
C SER A 97 19.40 41.59 -11.99
N CYS A 98 20.04 42.64 -11.48
CA CYS A 98 21.21 43.20 -12.15
C CYS A 98 22.40 43.24 -11.19
N GLY A 99 22.25 42.59 -10.04
CA GLY A 99 23.29 42.55 -9.02
C GLY A 99 22.78 42.93 -7.64
N HIS A 100 23.57 42.63 -6.62
CA HIS A 100 23.21 42.97 -5.23
C HIS A 100 24.09 44.11 -4.71
N PHE A 101 24.43 44.10 -3.43
CA PHE A 101 25.21 45.21 -2.91
C PHE A 101 26.22 44.71 -1.91
N VAL A 102 27.19 45.56 -1.58
CA VAL A 102 28.20 45.25 -0.59
C VAL A 102 28.14 46.26 0.56
N ASN A 103 28.13 45.76 1.79
CA ASN A 103 28.11 46.61 2.98
C ASN A 103 29.51 47.17 3.20
N VAL A 104 29.66 48.48 3.07
CA VAL A 104 30.97 49.10 3.24
C VAL A 104 31.07 49.96 4.52
N SER A 105 30.15 49.74 5.46
CA SER A 105 30.15 50.49 6.72
C SER A 105 31.50 50.45 7.41
N HIS A 106 32.10 49.26 7.47
CA HIS A 106 33.37 49.10 8.16
C HIS A 106 34.53 49.78 7.42
N LYS A 107 34.50 49.78 6.09
CA LYS A 107 35.58 50.38 5.31
C LYS A 107 35.59 51.91 5.40
N LEU A 108 34.46 52.51 5.73
CA LEU A 108 34.37 53.95 5.83
C LEU A 108 34.83 54.50 7.18
N THR A 109 35.01 53.61 8.14
CA THR A 109 35.48 54.03 9.46
C THR A 109 37.00 53.83 9.52
N GLY A 110 37.57 53.39 8.40
CA GLY A 110 39.00 53.15 8.28
C GLY A 110 39.88 54.35 8.60
N THR A 111 41.06 54.05 9.16
CA THR A 111 41.98 55.07 9.64
C THR A 111 42.51 56.00 8.54
N LEU A 112 43.04 57.15 8.96
CA LEU A 112 43.49 58.21 8.07
C LEU A 112 42.35 58.65 7.16
N ALA A 113 41.22 58.98 7.77
CA ALA A 113 40.08 59.52 7.05
C ALA A 113 39.36 60.54 7.92
N ALA A 114 38.66 61.46 7.25
CA ALA A 114 37.94 62.56 7.91
C ALA A 114 36.45 62.26 8.14
N ASN A 115 35.66 62.35 7.07
CA ASN A 115 34.23 62.09 7.13
C ASN A 115 33.85 60.70 6.66
N GLN A 116 32.60 60.59 6.20
CA GLN A 116 32.12 59.42 5.47
C GLN A 116 32.06 59.73 3.98
N GLN A 117 31.58 60.92 3.64
CA GLN A 117 31.41 61.29 2.25
C GLN A 117 32.74 61.36 1.52
N GLN A 118 33.77 61.77 2.26
CA GLN A 118 35.10 61.89 1.71
C GLN A 118 35.74 60.51 1.59
N SER A 119 35.47 59.65 2.57
CA SER A 119 35.89 58.25 2.53
C SER A 119 35.21 57.48 1.40
N ALA A 120 33.92 57.75 1.21
CA ALA A 120 33.16 57.12 0.15
C ALA A 120 33.71 57.50 -1.21
N GLN A 121 34.13 58.75 -1.35
CA GLN A 121 34.63 59.21 -2.64
C GLN A 121 35.95 58.53 -2.99
N LYS A 122 36.78 58.29 -2.00
CA LYS A 122 38.05 57.62 -2.22
C LYS A 122 37.84 56.16 -2.58
N LEU A 123 36.81 55.53 -2.03
CA LEU A 123 36.49 54.15 -2.38
C LEU A 123 36.15 54.02 -3.86
N LEU A 124 35.37 54.97 -4.35
CA LEU A 124 34.86 54.99 -5.72
C LEU A 124 35.82 55.61 -6.74
N GLN A 125 37.06 55.84 -6.35
CA GLN A 125 37.93 56.58 -7.24
C GLN A 125 38.78 55.70 -8.14
N LYS A 126 38.91 56.18 -9.39
CA LYS A 126 39.71 55.60 -10.49
C LYS A 126 38.84 54.75 -11.40
N LYS A 139 49.49 33.08 -11.67
CA LYS A 139 50.36 32.16 -12.41
C LYS A 139 50.31 30.76 -11.80
N ASP A 140 49.33 30.54 -10.93
CA ASP A 140 49.07 29.26 -10.28
C ASP A 140 48.55 28.17 -11.22
N VAL A 141 49.22 27.03 -11.25
CA VAL A 141 48.71 25.88 -11.98
C VAL A 141 47.90 24.90 -11.08
N TYR A 142 46.84 24.33 -11.64
CA TYR A 142 45.90 23.43 -10.94
C TYR A 142 45.80 22.15 -11.74
N GLU A 143 46.16 21.03 -11.11
CA GLU A 143 46.11 19.75 -11.81
C GLU A 143 45.36 18.70 -11.01
N ILE A 144 44.96 17.62 -11.69
CA ILE A 144 44.29 16.49 -11.07
C ILE A 144 45.29 15.36 -10.86
N LYS A 145 45.69 15.14 -9.62
CA LYS A 145 46.80 14.25 -9.34
C LYS A 145 46.51 13.28 -8.20
N HIS A 146 45.28 13.27 -7.69
CA HIS A 146 45.01 12.45 -6.52
C HIS A 146 43.73 11.65 -6.64
N GLU A 147 43.60 11.02 -7.81
CA GLU A 147 42.42 10.29 -8.20
C GLU A 147 42.05 9.19 -7.21
N GLU A 148 43.04 8.41 -6.80
CA GLU A 148 42.77 7.26 -5.94
C GLU A 148 42.21 7.74 -4.61
N GLU A 149 42.87 8.72 -4.02
CA GLU A 149 42.46 9.26 -2.72
C GLU A 149 41.10 9.96 -2.79
N VAL A 150 40.88 10.76 -3.83
CA VAL A 150 39.62 11.48 -3.98
C VAL A 150 38.46 10.50 -4.17
N ASN A 151 38.66 9.50 -5.04
CA ASN A 151 37.63 8.50 -5.29
C ASN A 151 37.23 7.73 -4.04
N ALA A 152 38.21 7.35 -3.23
CA ALA A 152 37.92 6.67 -1.96
C ALA A 152 37.13 7.59 -1.03
N ALA A 153 37.53 8.86 -0.97
CA ALA A 153 36.86 9.79 -0.08
C ALA A 153 35.41 10.04 -0.53
N LEU A 154 35.18 10.15 -1.83
CA LEU A 154 33.83 10.39 -2.34
C LEU A 154 32.86 9.29 -1.96
N LYS A 155 33.35 8.06 -1.86
CA LYS A 155 32.54 6.92 -1.45
C LYS A 155 32.09 7.03 0.01
N GLU A 156 32.75 7.89 0.77
CA GLU A 156 32.47 8.02 2.21
C GLU A 156 31.38 9.04 2.53
N ILE A 157 30.99 9.82 1.53
CA ILE A 157 29.97 10.83 1.75
C ILE A 157 28.60 10.21 2.04
N VAL A 158 27.95 10.68 3.10
CA VAL A 158 26.68 10.13 3.55
C VAL A 158 25.56 11.15 3.33
N SER A 159 24.72 10.90 2.32
CA SER A 159 23.70 11.87 1.92
C SER A 159 22.70 12.19 3.05
N ASP A 160 22.36 11.20 3.88
CA ASP A 160 21.41 11.45 4.96
C ASP A 160 21.94 12.45 5.98
N ASN A 161 23.26 12.53 6.16
CA ASN A 161 23.83 13.53 7.07
C ASN A 161 23.49 14.98 6.60
N ILE A 162 23.60 15.20 5.29
CA ILE A 162 23.27 16.51 4.72
C ILE A 162 21.79 16.83 4.96
N TRP A 163 20.92 15.85 4.72
CA TRP A 163 19.49 16.06 4.90
C TRP A 163 19.15 16.37 6.36
N GLN A 164 19.78 15.66 7.29
CA GLN A 164 19.54 15.88 8.73
C GLN A 164 20.13 17.22 9.21
N THR A 165 21.31 17.61 8.73
CA THR A 165 21.88 18.93 9.07
C THR A 165 20.94 20.03 8.59
N LEU A 166 20.43 19.88 7.37
CA LEU A 166 19.54 20.85 6.77
C LEU A 166 18.22 20.94 7.54
N THR A 167 17.71 19.78 7.98
CA THR A 167 16.49 19.72 8.80
C THR A 167 16.66 20.55 10.07
N HIS A 168 17.81 20.43 10.73
CA HIS A 168 18.04 21.22 11.94
C HIS A 168 18.14 22.73 11.64
N MET A 169 18.84 23.10 10.58
CA MET A 169 19.04 24.52 10.28
C MET A 169 17.73 25.24 9.94
N THR A 170 16.83 24.56 9.22
CA THR A 170 15.58 25.17 8.80
C THR A 170 14.54 25.20 9.94
N SER A 171 14.85 24.56 11.07
CA SER A 171 13.90 24.54 12.17
C SER A 171 13.96 25.82 13.03
N TYR A 172 15.00 26.65 12.84
CA TYR A 172 15.01 27.99 13.44
C TYR A 172 14.01 28.87 12.69
N TYR A 173 13.34 29.78 13.39
CA TYR A 173 12.44 30.72 12.74
C TYR A 173 13.16 31.47 11.62
N ASN A 174 14.36 31.94 11.94
CA ASN A 174 15.30 32.43 10.93
C ASN A 174 16.69 32.29 11.53
N ARG A 175 17.73 32.61 10.76
CA ARG A 175 19.10 32.61 11.28
C ARG A 175 19.76 33.97 11.04
N SER A 176 18.99 35.03 11.27
CA SER A 176 19.45 36.38 11.00
C SER A 176 20.60 36.79 11.91
N ALA A 177 21.53 37.55 11.36
CA ALA A 177 22.75 37.95 12.05
C ALA A 177 22.48 38.89 13.21
N THR A 178 21.29 39.46 13.25
CA THR A 178 20.90 40.32 14.36
C THR A 178 20.10 39.60 15.43
N LYS A 179 19.90 38.30 15.29
CA LYS A 179 19.01 37.59 16.20
C LYS A 179 19.74 36.52 17.00
N ASP A 180 19.24 36.22 18.20
CA ASP A 180 19.81 35.16 19.02
C ASP A 180 19.86 33.82 18.27
N THR A 181 18.84 33.50 17.46
CA THR A 181 18.90 32.25 16.66
C THR A 181 20.07 32.24 15.67
N GLY A 182 20.49 33.42 15.23
CA GLY A 182 21.68 33.53 14.40
C GLY A 182 22.92 33.10 15.18
N VAL A 183 22.97 33.49 16.46
CA VAL A 183 24.06 33.11 17.35
C VAL A 183 23.98 31.62 17.70
N ASP A 184 22.77 31.12 17.95
CA ASP A 184 22.57 29.68 18.21
C ASP A 184 23.08 28.82 17.06
N THR A 185 22.80 29.27 15.83
CA THR A 185 23.24 28.55 14.64
C THR A 185 24.76 28.42 14.64
N ALA A 186 25.44 29.53 14.88
CA ALA A 186 26.90 29.54 14.88
C ALA A 186 27.43 28.58 15.95
N ASN A 187 26.87 28.62 17.16
CA ASN A 187 27.28 27.73 18.24
C ASN A 187 27.04 26.25 17.90
N TRP A 188 25.92 25.98 17.25
CA TRP A 188 25.54 24.61 16.92
C TRP A 188 26.52 24.05 15.87
N LEU A 189 26.84 24.85 14.85
CA LEU A 189 27.80 24.44 13.84
C LEU A 189 29.18 24.18 14.45
N LYS A 190 29.60 25.05 15.34
CA LYS A 190 30.90 24.92 15.95
C LYS A 190 30.99 23.62 16.74
N SER A 191 29.98 23.35 17.56
CA SER A 191 30.03 22.17 18.39
C SER A 191 29.91 20.89 17.54
N LYS A 192 29.14 20.94 16.46
CA LYS A 192 29.04 19.77 15.57
C LYS A 192 30.42 19.43 14.99
N PHE A 193 31.14 20.46 14.55
CA PHE A 193 32.49 20.26 13.99
C PHE A 193 33.37 19.60 15.04
N GLU A 194 33.30 20.13 16.26
CA GLU A 194 34.13 19.66 17.36
C GLU A 194 33.80 18.23 17.77
N GLN A 195 32.52 17.88 17.72
CA GLN A 195 32.11 16.51 18.01
C GLN A 195 32.72 15.54 17.01
N MET A 196 32.64 15.92 15.72
CA MET A 196 33.11 15.05 14.65
C MET A 196 34.61 14.83 14.73
N ALA A 197 35.35 15.88 15.09
CA ALA A 197 36.79 15.75 15.24
C ALA A 197 37.14 14.68 16.29
N VAL A 198 36.43 14.71 17.42
CA VAL A 198 36.60 13.71 18.48
C VAL A 198 36.16 12.30 18.03
N GLU A 199 35.01 12.24 17.37
CA GLU A 199 34.45 10.98 16.90
C GLU A 199 35.43 10.23 15.99
N TYR A 200 36.16 10.97 15.14
CA TYR A 200 37.05 10.31 14.19
C TYR A 200 38.51 10.41 14.58
N GLY A 201 38.77 10.92 15.78
CA GLY A 201 40.14 11.00 16.27
C GLY A 201 41.08 11.87 15.45
N ARG A 202 40.56 12.93 14.87
CA ARG A 202 41.40 13.88 14.14
C ARG A 202 41.99 14.84 15.16
N THR A 203 43.32 14.87 15.30
CA THR A 203 43.96 15.63 16.39
C THR A 203 44.56 16.99 16.04
N ASP A 204 44.51 17.36 14.77
CA ASP A 204 45.15 18.58 14.32
C ASP A 204 44.15 19.69 13.98
N THR A 205 42.99 19.69 14.65
CA THR A 205 41.96 20.68 14.33
C THR A 205 41.88 21.78 15.36
N SER A 206 41.19 22.85 14.98
CA SER A 206 40.91 23.97 15.87
C SER A 206 39.67 24.72 15.35
N THR A 207 39.02 25.47 16.22
CA THR A 207 37.86 26.28 15.85
C THR A 207 37.92 27.63 16.53
N PHE A 208 37.41 28.66 15.87
CA PHE A 208 37.23 29.94 16.54
C PHE A 208 36.22 30.79 15.82
N PHE A 209 35.72 31.77 16.56
CA PHE A 209 34.76 32.75 16.07
C PHE A 209 35.49 33.98 15.58
N VAL A 210 35.01 34.56 14.48
CA VAL A 210 35.45 35.89 14.09
C VAL A 210 34.25 36.81 14.28
N LYS A 211 34.41 37.84 15.10
CA LYS A 211 33.31 38.74 15.42
C LYS A 211 32.88 39.56 14.20
N THR A 212 31.65 40.06 14.26
CA THR A 212 31.00 40.68 13.11
C THR A 212 30.56 42.08 13.49
N GLY A 213 31.42 42.81 14.19
CA GLY A 213 31.09 44.17 14.61
C GLY A 213 29.86 44.21 15.52
N TRP A 214 28.87 45.03 15.17
CA TRP A 214 27.71 45.16 16.04
C TRP A 214 26.71 44.02 15.80
N TYR A 215 26.95 43.20 14.78
CA TYR A 215 26.15 42.01 14.58
C TYR A 215 26.48 40.94 15.62
N LYS A 216 25.43 40.43 16.28
CA LYS A 216 25.52 39.36 17.28
C LYS A 216 26.19 38.09 16.76
N GLN A 217 25.80 37.70 15.55
CA GLN A 217 26.23 36.44 14.99
C GLN A 217 27.67 36.51 14.50
N PRO A 218 28.56 35.66 15.06
CA PRO A 218 29.94 35.65 14.56
C PRO A 218 30.10 34.72 13.37
N SER A 219 31.15 34.88 12.58
CA SER A 219 31.52 33.85 11.60
C SER A 219 32.26 32.70 12.29
N LEU A 220 32.04 31.49 11.81
CA LEU A 220 32.72 30.31 12.36
C LEU A 220 33.89 29.88 11.45
N VAL A 221 35.09 29.87 12.01
CA VAL A 221 36.28 29.39 11.29
C VAL A 221 36.76 28.08 11.91
N THR A 222 36.89 27.05 11.08
CA THR A 222 37.41 25.79 11.56
C THR A 222 38.58 25.43 10.66
N VAL A 223 39.55 24.72 11.22
CA VAL A 223 40.73 24.38 10.44
C VAL A 223 41.14 22.94 10.72
N ILE A 224 41.56 22.26 9.66
CA ILE A 224 42.17 20.96 9.76
C ILE A 224 43.64 21.08 9.33
N GLY A 225 44.54 20.81 10.27
CA GLY A 225 45.97 20.99 10.07
C GLY A 225 46.41 22.35 10.57
N LYS A 226 46.07 22.65 11.82
CA LYS A 226 46.22 23.99 12.39
C LYS A 226 47.65 24.50 12.50
N ASP A 227 48.62 23.60 12.47
CA ASP A 227 50.01 24.01 12.62
C ASP A 227 50.78 23.96 11.30
N ILE A 228 50.12 23.60 10.21
CA ILE A 228 50.82 23.55 8.93
C ILE A 228 51.04 24.95 8.38
N LYS A 229 52.31 25.30 8.15
CA LYS A 229 52.67 26.64 7.72
C LYS A 229 52.80 26.69 6.21
N ALA A 230 51.67 26.90 5.53
CA ALA A 230 51.64 26.95 4.08
C ALA A 230 50.34 27.62 3.68
N PRO A 231 50.30 28.24 2.48
CA PRO A 231 49.06 28.90 2.05
C PRO A 231 47.87 27.93 2.08
N ALA A 232 46.78 28.38 2.68
CA ALA A 232 45.66 27.53 3.05
C ALA A 232 44.66 27.33 1.91
N ILE A 233 43.89 26.24 2.02
CA ILE A 233 42.72 26.02 1.19
C ILE A 233 41.47 26.39 1.99
N VAL A 234 40.57 27.17 1.40
CA VAL A 234 39.38 27.58 2.13
C VAL A 234 38.07 27.12 1.46
N ILE A 235 37.20 26.48 2.24
CA ILE A 235 35.89 26.09 1.77
C ILE A 235 34.83 26.76 2.61
N GLY A 236 33.94 27.51 1.94
CA GLY A 236 32.98 28.35 2.64
C GLY A 236 31.52 28.23 2.23
N ALA A 237 30.66 28.71 3.13
CA ALA A 237 29.22 28.83 2.94
C ALA A 237 28.75 29.86 3.95
N HIS A 238 27.54 30.39 3.82
CA HIS A 238 27.07 31.30 4.85
C HIS A 238 25.90 30.71 5.62
N MET A 239 25.86 31.01 6.91
CA MET A 239 24.94 30.37 7.84
C MET A 239 23.65 31.16 8.08
N ASP A 240 23.62 32.41 7.62
CA ASP A 240 22.53 33.32 8.00
C ASP A 240 21.39 33.36 6.99
N THR A 241 20.31 34.03 7.39
CA THR A 241 19.16 34.31 6.54
C THR A 241 18.76 35.75 6.79
N LEU A 242 17.73 36.20 6.08
CA LEU A 242 17.06 37.46 6.39
C LEU A 242 16.21 37.34 7.68
N ASP A 243 15.65 38.47 8.11
CA ASP A 243 14.65 38.50 9.21
C ASP A 243 13.29 37.96 8.74
N GLY A 244 12.35 37.84 9.68
CA GLY A 244 11.04 37.27 9.40
C GLY A 244 11.16 35.75 9.36
N ARG A 245 10.10 35.08 8.91
CA ARG A 245 10.11 33.63 8.78
C ARG A 245 10.92 33.23 7.55
N MET A 246 12.11 32.69 7.78
CA MET A 246 13.03 32.37 6.71
C MET A 246 13.65 30.99 6.93
N PRO A 247 13.03 29.93 6.41
CA PRO A 247 13.64 28.59 6.56
C PRO A 247 15.04 28.54 5.94
N GLY A 248 15.29 29.33 4.90
CA GLY A 248 16.60 29.38 4.27
C GLY A 248 17.17 28.02 3.92
N ALA A 249 16.33 27.14 3.38
CA ALA A 249 16.77 25.78 3.07
C ALA A 249 17.74 25.80 1.89
N GLY A 250 17.30 26.38 0.78
CA GLY A 250 18.15 26.49 -0.39
C GLY A 250 19.27 27.49 -0.13
N ASP A 251 18.90 28.63 0.44
CA ASP A 251 19.82 29.72 0.65
C ASP A 251 19.96 30.14 2.13
N ASP A 252 21.03 29.72 2.82
CA ASP A 252 22.06 28.83 2.31
C ASP A 252 22.25 27.64 3.28
N GLY A 253 21.13 27.08 3.73
CA GLY A 253 21.17 25.84 4.49
C GLY A 253 21.82 24.71 3.72
N SER A 254 21.51 24.64 2.43
CA SER A 254 22.02 23.58 1.56
C SER A 254 23.56 23.64 1.43
N GLY A 255 24.10 24.81 1.15
CA GLY A 255 25.55 24.97 1.08
C GLY A 255 26.23 24.69 2.42
N SER A 256 25.66 25.22 3.50
CA SER A 256 26.15 24.99 4.86
C SER A 256 26.20 23.50 5.20
N SER A 257 25.15 22.76 4.81
CA SER A 257 25.06 21.34 5.06
C SER A 257 25.99 20.51 4.15
N SER A 258 26.09 20.90 2.88
CA SER A 258 27.03 20.24 1.98
C SER A 258 28.46 20.33 2.50
N ILE A 259 28.90 21.49 2.95
CA ILE A 259 30.32 21.54 3.36
C ILE A 259 30.54 20.94 4.74
N MET A 260 29.49 20.89 5.57
CA MET A 260 29.62 20.21 6.86
C MET A 260 29.89 18.72 6.65
N GLU A 261 29.23 18.11 5.67
CA GLU A 261 29.47 16.69 5.37
C GLU A 261 30.83 16.48 4.70
N ALA A 262 31.26 17.43 3.88
CA ALA A 262 32.61 17.38 3.31
C ALA A 262 33.66 17.45 4.43
N ALA A 263 33.43 18.33 5.41
CA ALA A 263 34.32 18.43 6.57
C ALA A 263 34.39 17.09 7.32
N ARG A 264 33.25 16.42 7.48
CA ARG A 264 33.20 15.12 8.15
C ARG A 264 34.12 14.12 7.47
N VAL A 265 34.07 14.09 6.15
CA VAL A 265 34.91 13.15 5.38
C VAL A 265 36.40 13.47 5.53
N ILE A 266 36.78 14.75 5.51
CA ILE A 266 38.17 15.10 5.73
C ILE A 266 38.60 14.77 7.16
N LEU A 267 37.71 15.02 8.12
CA LEU A 267 38.00 14.72 9.53
C LEU A 267 38.21 13.23 9.78
N SER A 268 37.48 12.39 9.04
CA SER A 268 37.62 10.94 9.19
C SER A 268 38.86 10.44 8.46
N SER A 269 39.50 11.29 7.66
CA SER A 269 40.72 10.93 6.95
C SER A 269 41.93 10.83 7.89
N LYS A 270 42.84 9.92 7.60
CA LYS A 270 44.08 9.82 8.34
C LYS A 270 45.22 10.49 7.57
N THR A 271 44.91 11.09 6.42
CA THR A 271 45.95 11.71 5.59
C THR A 271 46.51 12.98 6.23
N THR A 272 47.82 13.11 6.20
CA THR A 272 48.47 14.40 6.50
C THR A 272 48.60 15.21 5.21
N PHE A 273 47.93 16.34 5.13
CA PHE A 273 47.98 17.18 3.94
C PHE A 273 49.18 18.13 4.02
N LYS A 274 49.46 18.81 2.92
CA LYS A 274 50.58 19.76 2.89
C LYS A 274 50.12 21.19 3.14
N ARG A 275 48.81 21.40 3.18
CA ARG A 275 48.23 22.70 3.50
C ARG A 275 47.17 22.57 4.58
N PRO A 276 46.99 23.64 5.38
CA PRO A 276 45.82 23.65 6.25
C PRO A 276 44.55 23.82 5.43
N ILE A 277 43.47 23.18 5.88
CA ILE A 277 42.19 23.29 5.21
C ILE A 277 41.21 23.97 6.14
N TYR A 278 40.67 25.10 5.70
CA TYR A 278 39.65 25.80 6.48
C TYR A 278 38.26 25.52 5.94
N PHE A 279 37.35 25.22 6.87
CA PHE A 279 35.92 25.22 6.60
C PHE A 279 35.32 26.37 7.36
N ILE A 280 34.65 27.26 6.62
CA ILE A 280 34.18 28.51 7.20
C ILE A 280 32.68 28.72 6.94
N TRP A 281 31.95 29.03 8.00
CA TRP A 281 30.57 29.40 7.86
C TRP A 281 30.47 30.88 8.18
N TYR A 282 30.25 31.69 7.14
CA TYR A 282 30.27 33.13 7.34
C TYR A 282 28.95 33.63 7.95
N ALA A 283 29.07 34.62 8.82
CA ALA A 283 27.91 35.35 9.36
C ALA A 283 27.47 36.44 8.40
N ALA A 284 26.20 36.83 8.48
CA ALA A 284 25.73 38.09 7.90
C ALA A 284 26.01 38.28 6.41
N GLU A 285 25.99 37.22 5.64
CA GLU A 285 26.18 37.37 4.19
C GLU A 285 25.05 38.19 3.60
N GLU A 286 23.85 38.02 4.15
CA GLU A 286 22.64 38.66 3.66
C GLU A 286 22.60 40.16 3.97
N ARG A 287 23.53 40.62 4.80
CA ARG A 287 23.63 42.04 5.13
C ARG A 287 24.60 42.76 4.18
N GLY A 288 25.07 42.04 3.15
CA GLY A 288 26.02 42.61 2.20
C GLY A 288 27.45 42.14 2.44
N LEU A 289 27.60 40.82 2.65
CA LEU A 289 28.90 40.15 2.80
C LEU A 289 29.71 40.63 3.99
N VAL A 290 29.03 40.95 5.08
CA VAL A 290 29.70 41.52 6.23
C VAL A 290 30.66 40.53 6.89
N GLY A 291 30.20 39.30 7.11
CA GLY A 291 31.01 38.31 7.78
C GLY A 291 32.26 37.92 7.01
N SER A 292 32.13 37.66 5.71
CA SER A 292 33.32 37.26 4.94
C SER A 292 34.30 38.42 4.87
N GLN A 293 33.79 39.66 4.86
CA GLN A 293 34.70 40.80 4.93
C GLN A 293 35.50 40.82 6.23
N HIS A 294 34.85 40.52 7.36
CA HIS A 294 35.59 40.41 8.62
C HIS A 294 36.57 39.23 8.64
N VAL A 295 36.20 38.12 8.03
CA VAL A 295 37.07 36.93 8.01
C VAL A 295 38.33 37.21 7.19
N VAL A 296 38.13 37.80 6.01
CA VAL A 296 39.26 38.15 5.17
C VAL A 296 40.19 39.12 5.91
N GLN A 297 39.60 40.11 6.58
CA GLN A 297 40.40 41.05 7.39
C GLN A 297 41.18 40.34 8.51
N HIS A 298 40.53 39.40 9.18
CA HIS A 298 41.20 38.61 10.21
C HIS A 298 42.42 37.86 9.65
N PHE A 299 42.25 37.21 8.51
CA PHE A 299 43.33 36.50 7.84
C PHE A 299 44.48 37.45 7.46
N GLN A 300 44.15 38.65 7.01
CA GLN A 300 45.21 39.61 6.66
C GLN A 300 45.95 40.11 7.91
N GLU A 301 45.20 40.45 8.95
CA GLU A 301 45.79 40.94 10.20
C GLU A 301 46.67 39.89 10.88
N GLN A 302 46.30 38.62 10.74
CA GLN A 302 47.04 37.55 11.38
C GLN A 302 48.09 36.96 10.44
N SER A 303 48.21 37.56 9.26
CA SER A 303 49.13 37.08 8.22
C SER A 303 48.95 35.58 7.93
N ILE A 304 47.70 35.17 7.71
CA ILE A 304 47.45 33.80 7.28
C ILE A 304 47.34 33.74 5.76
N PRO A 305 48.36 33.16 5.09
CA PRO A 305 48.36 33.10 3.63
C PRO A 305 47.29 32.12 3.09
N VAL A 306 46.64 32.49 2.01
CA VAL A 306 45.59 31.66 1.42
C VAL A 306 45.86 31.39 -0.06
N LYS A 307 45.87 30.11 -0.43
CA LYS A 307 46.07 29.68 -1.80
C LYS A 307 44.82 29.77 -2.69
N ALA A 308 43.70 29.24 -2.21
CA ALA A 308 42.50 29.15 -3.04
C ALA A 308 41.26 29.04 -2.17
N VAL A 309 40.18 29.64 -2.66
CA VAL A 309 38.91 29.72 -1.95
C VAL A 309 37.76 29.23 -2.85
N VAL A 310 36.85 28.44 -2.31
CA VAL A 310 35.61 28.09 -3.02
C VAL A 310 34.42 28.43 -2.13
N GLN A 311 33.35 28.92 -2.73
CA GLN A 311 32.13 29.30 -2.01
C GLN A 311 30.95 28.41 -2.41
N PHE A 312 30.24 27.86 -1.41
CA PHE A 312 29.03 27.09 -1.71
C PHE A 312 27.82 27.86 -1.20
N ASP A 313 27.08 28.43 -2.14
CA ASP A 313 25.90 29.21 -1.81
C ASP A 313 24.80 28.70 -2.73
N MET A 314 23.97 27.83 -2.15
CA MET A 314 22.82 27.18 -2.81
C MET A 314 23.27 25.98 -3.62
N THR A 315 22.95 24.80 -3.10
CA THR A 315 23.44 23.55 -3.68
C THR A 315 22.34 22.51 -3.92
N GLY A 316 21.08 22.89 -3.73
CA GLY A 316 20.01 21.89 -3.71
C GLY A 316 18.88 22.01 -4.74
N TYR A 317 18.71 23.17 -5.36
CA TYR A 317 17.59 23.34 -6.27
C TYR A 317 17.97 22.99 -7.72
N ARG A 318 17.26 22.02 -8.30
CA ARG A 318 17.40 21.71 -9.71
C ARG A 318 16.23 22.33 -10.45
N ASN A 319 16.52 23.06 -11.52
CA ASN A 319 15.48 23.62 -12.36
C ASN A 319 14.71 22.50 -13.06
N ASP A 320 15.43 21.46 -13.42
CA ASP A 320 14.84 20.26 -14.01
C ASP A 320 15.33 19.07 -13.20
N ALA A 321 14.41 18.35 -12.56
CA ALA A 321 14.76 17.32 -11.58
C ALA A 321 15.67 16.26 -12.19
N ASN A 322 15.56 16.05 -13.50
CA ASN A 322 16.36 15.03 -14.18
C ASN A 322 17.63 15.57 -14.84
N ASP A 323 17.87 16.88 -14.71
CA ASP A 323 19.08 17.52 -15.27
C ASP A 323 20.05 17.85 -14.15
N PRO A 324 21.15 17.10 -14.06
CA PRO A 324 22.07 17.23 -12.92
C PRO A 324 23.20 18.25 -13.15
N THR A 325 23.06 19.10 -14.16
CA THR A 325 24.07 20.11 -14.50
C THR A 325 24.47 20.98 -13.30
N MET A 326 25.77 21.18 -13.13
CA MET A 326 26.28 22.11 -12.14
C MET A 326 26.82 23.36 -12.84
N TRP A 327 26.63 24.52 -12.23
CA TRP A 327 26.96 25.79 -12.87
C TRP A 327 28.17 26.47 -12.25
N VAL A 328 29.08 26.95 -13.08
CA VAL A 328 30.27 27.64 -12.62
C VAL A 328 30.10 29.14 -12.89
N PHE A 329 30.24 29.96 -11.87
CA PHE A 329 30.04 31.39 -12.07
C PHE A 329 31.35 32.07 -12.38
N THR A 330 31.28 32.98 -13.35
CA THR A 330 32.48 33.51 -14.00
C THR A 330 32.76 34.97 -13.71
N ASP A 331 31.87 35.67 -12.99
CA ASP A 331 32.19 37.06 -12.64
C ASP A 331 32.61 37.15 -11.16
N TYR A 332 33.55 38.04 -10.87
CA TYR A 332 34.12 38.21 -9.51
C TYR A 332 34.73 36.90 -9.01
N THR A 333 35.23 36.09 -9.95
CA THR A 333 35.92 34.85 -9.61
C THR A 333 37.20 34.73 -10.39
N ASP A 334 38.09 33.88 -9.92
CA ASP A 334 39.33 33.64 -10.63
C ASP A 334 39.08 32.72 -11.82
N ARG A 335 39.55 33.14 -12.97
CA ARG A 335 39.35 32.39 -14.21
C ARG A 335 39.99 31.00 -14.22
N ASP A 336 41.26 30.91 -13.82
CA ASP A 336 41.94 29.62 -13.81
C ASP A 336 41.35 28.67 -12.78
N LEU A 337 41.04 29.18 -11.60
CA LEU A 337 40.44 28.34 -10.57
C LEU A 337 39.03 27.89 -10.97
N SER A 338 38.28 28.77 -11.64
CA SER A 338 36.93 28.40 -12.10
C SER A 338 37.02 27.30 -13.15
N ASN A 339 37.98 27.45 -14.05
CA ASN A 339 38.24 26.44 -15.06
C ASN A 339 38.61 25.12 -14.38
N TYR A 340 39.36 25.20 -13.29
CA TYR A 340 39.70 23.99 -12.53
C TYR A 340 38.48 23.31 -11.91
N LEU A 341 37.56 24.11 -11.37
CA LEU A 341 36.28 23.58 -10.85
C LEU A 341 35.53 22.78 -11.89
N ALA A 342 35.43 23.32 -13.09
CA ALA A 342 34.77 22.61 -14.18
C ALA A 342 35.43 21.26 -14.44
N LYS A 343 36.76 21.22 -14.37
CA LYS A 343 37.48 19.96 -14.58
C LYS A 343 37.17 18.98 -13.46
N LEU A 344 37.10 19.48 -12.23
CA LEU A 344 36.79 18.61 -11.10
C LEU A 344 35.40 18.00 -11.23
N ILE A 345 34.43 18.83 -11.63
CA ILE A 345 33.07 18.36 -11.80
C ILE A 345 33.00 17.28 -12.89
N ASP A 346 33.61 17.56 -14.03
CA ASP A 346 33.63 16.63 -15.15
C ASP A 346 34.31 15.32 -14.75
N HIS A 347 35.48 15.42 -14.13
CA HIS A 347 36.29 14.24 -13.84
C HIS A 347 35.74 13.39 -12.70
N TYR A 348 35.28 14.02 -11.64
CA TYR A 348 34.90 13.27 -10.44
C TYR A 348 33.39 13.13 -10.24
N ILE A 349 32.61 14.07 -10.76
CA ILE A 349 31.19 14.09 -10.45
C ILE A 349 30.43 13.52 -11.66
N HIS A 350 30.99 13.69 -12.85
CA HIS A 350 30.43 13.11 -14.08
C HIS A 350 29.02 13.63 -14.38
N VAL A 351 28.85 14.94 -14.25
CA VAL A 351 27.61 15.61 -14.63
C VAL A 351 28.02 16.78 -15.54
N PRO A 352 27.07 17.33 -16.31
CA PRO A 352 27.48 18.46 -17.17
C PRO A 352 27.83 19.74 -16.40
N VAL A 353 28.64 20.59 -17.04
CA VAL A 353 28.98 21.90 -16.50
C VAL A 353 28.46 22.98 -17.43
N ASP A 354 27.86 24.02 -16.86
CA ASP A 354 27.52 25.18 -17.67
C ASP A 354 27.95 26.41 -16.88
N TYR A 355 27.85 27.58 -17.51
CA TYR A 355 28.43 28.79 -16.94
C TYR A 355 27.42 29.91 -16.80
N SER A 356 27.62 30.73 -15.78
CA SER A 356 26.71 31.85 -15.61
C SER A 356 27.41 33.01 -14.90
N ARG A 357 26.70 34.13 -14.78
CA ARG A 357 27.14 35.33 -14.03
C ARG A 357 26.05 35.75 -13.06
N CYS A 358 26.41 36.30 -11.91
CA CYS A 358 25.38 36.72 -10.97
C CYS A 358 25.52 38.14 -10.46
N GLY A 359 26.47 38.91 -10.98
CA GLY A 359 26.52 40.32 -10.65
C GLY A 359 27.25 40.66 -9.36
N TYR A 360 27.37 41.95 -9.09
CA TYR A 360 28.07 42.49 -7.94
C TYR A 360 27.49 42.08 -6.58
N GLY A 361 28.36 41.82 -5.61
CA GLY A 361 27.97 41.43 -4.26
C GLY A 361 27.17 40.13 -4.17
N CYS A 362 27.48 39.20 -5.06
CA CYS A 362 26.70 37.98 -5.23
C CYS A 362 26.81 37.03 -4.04
N SER A 363 28.03 36.73 -3.59
CA SER A 363 28.22 35.89 -2.41
C SER A 363 29.65 36.04 -1.87
N ASP A 364 29.99 35.29 -0.82
CA ASP A 364 31.20 35.57 -0.04
C ASP A 364 32.54 35.40 -0.78
N HIS A 365 32.54 34.65 -1.89
CA HIS A 365 33.76 34.57 -2.70
C HIS A 365 34.22 35.96 -3.16
N ALA A 366 33.28 36.89 -3.31
CA ALA A 366 33.62 38.23 -3.78
C ALA A 366 34.53 38.96 -2.81
N SER A 367 34.39 38.67 -1.51
CA SER A 367 35.23 39.30 -0.49
C SER A 367 36.68 38.88 -0.66
N TRP A 368 36.91 37.62 -1.02
CA TRP A 368 38.26 37.11 -1.26
C TRP A 368 38.81 37.64 -2.58
N ASN A 369 37.96 37.61 -3.60
CA ASN A 369 38.32 38.08 -4.93
C ASN A 369 38.77 39.54 -4.91
N GLU A 370 38.12 40.36 -4.07
CA GLU A 370 38.48 41.79 -3.98
C GLU A 370 39.90 42.00 -3.47
N GLU A 371 40.42 41.03 -2.74
CA GLU A 371 41.77 41.05 -2.21
C GLU A 371 42.75 40.27 -3.08
N ASP A 372 42.35 40.02 -4.33
CA ASP A 372 43.16 39.27 -5.30
C ASP A 372 43.57 37.88 -4.80
N ILE A 373 42.70 37.23 -4.05
CA ILE A 373 42.90 35.85 -3.68
C ILE A 373 42.03 34.99 -4.60
N PRO A 374 42.62 33.94 -5.19
CA PRO A 374 41.84 33.10 -6.12
C PRO A 374 40.59 32.51 -5.47
N ALA A 375 39.43 32.80 -6.06
CA ALA A 375 38.15 32.39 -5.50
C ALA A 375 37.23 31.87 -6.60
N ALA A 376 36.44 30.85 -6.29
CA ALA A 376 35.53 30.28 -7.26
C ALA A 376 34.17 29.96 -6.63
N PHE A 377 33.15 29.85 -7.49
CA PHE A 377 31.76 29.75 -7.04
C PHE A 377 30.94 28.84 -7.97
N PRO A 378 30.80 27.57 -7.58
CA PRO A 378 29.86 26.65 -8.24
C PRO A 378 28.47 26.82 -7.63
N CYS A 379 27.43 26.70 -8.42
CA CYS A 379 26.08 26.94 -7.91
C CYS A 379 25.07 25.96 -8.52
N GLU A 380 23.91 25.85 -7.88
CA GLU A 380 22.89 24.86 -8.22
C GLU A 380 22.20 25.12 -9.56
N THR A 381 22.11 26.39 -9.96
CA THR A 381 21.42 26.78 -11.21
C THR A 381 22.14 27.92 -11.91
N SER A 382 21.71 28.24 -13.13
CA SER A 382 22.09 29.51 -13.73
C SER A 382 21.43 30.65 -12.99
N PHE A 383 21.94 31.86 -13.18
CA PHE A 383 21.34 33.04 -12.57
C PHE A 383 19.90 33.21 -13.03
N ALA A 384 19.67 33.02 -14.32
CA ALA A 384 18.36 33.22 -14.92
C ALA A 384 17.31 32.24 -14.38
N ASP A 385 17.72 31.03 -14.05
CA ASP A 385 16.77 30.01 -13.58
C ASP A 385 16.87 29.74 -12.10
N HIS A 386 17.24 30.75 -11.31
CA HIS A 386 17.51 30.47 -9.91
C HIS A 386 16.19 30.18 -9.18
N ASN A 387 16.31 29.53 -8.03
CA ASN A 387 15.20 29.21 -7.16
C ASN A 387 14.36 30.48 -6.91
N PRO A 388 13.09 30.47 -7.32
CA PRO A 388 12.27 31.67 -7.21
C PRO A 388 11.81 31.95 -5.77
N TYR A 389 12.02 31.03 -4.84
CA TYR A 389 11.48 31.21 -3.49
C TYR A 389 12.55 31.66 -2.50
N ILE A 390 13.70 31.99 -3.06
CA ILE A 390 14.82 32.56 -2.32
C ILE A 390 14.41 33.81 -1.51
N HIS A 391 14.88 33.91 -0.27
CA HIS A 391 14.61 35.05 0.61
C HIS A 391 13.13 35.18 0.94
N THR A 392 12.41 34.07 0.91
CA THR A 392 11.02 34.04 1.36
C THR A 392 10.79 32.87 2.29
N SER A 393 9.61 32.85 2.89
CA SER A 393 9.22 31.78 3.80
C SER A 393 8.94 30.49 3.04
N SER A 394 8.95 30.54 1.71
CA SER A 394 8.75 29.31 0.94
C SER A 394 10.06 28.64 0.51
N ASP A 395 11.20 29.16 0.96
CA ASP A 395 12.50 28.52 0.66
C ASP A 395 12.69 27.29 1.55
N LYS A 396 12.04 26.20 1.18
CA LYS A 396 11.91 25.01 2.03
C LYS A 396 12.58 23.76 1.44
N MET A 397 12.83 22.79 2.31
CA MET A 397 13.53 21.55 1.95
C MET A 397 12.81 20.81 0.84
N ASP A 398 11.49 20.96 0.78
CA ASP A 398 10.69 20.19 -0.18
C ASP A 398 10.92 20.64 -1.61
N LEU A 399 11.61 21.76 -1.78
CA LEU A 399 12.00 22.20 -3.10
C LEU A 399 13.28 21.52 -3.57
N LEU A 400 14.00 20.89 -2.66
CA LEU A 400 15.40 20.57 -2.95
C LEU A 400 15.67 19.12 -3.35
N ASN A 401 16.82 18.90 -3.96
CA ASN A 401 17.21 17.61 -4.51
C ASN A 401 18.48 17.16 -3.80
N LEU A 402 18.42 16.03 -3.11
CA LEU A 402 19.53 15.63 -2.26
C LEU A 402 20.69 15.11 -3.09
N GLU A 403 20.41 14.54 -4.26
CA GLU A 403 21.52 14.12 -5.12
C GLU A 403 22.35 15.35 -5.53
N HIS A 404 21.66 16.45 -5.86
CA HIS A 404 22.32 17.72 -6.19
C HIS A 404 23.23 18.17 -5.04
N MET A 405 22.67 18.24 -3.83
CA MET A 405 23.42 18.69 -2.65
C MET A 405 24.62 17.78 -2.37
N THR A 406 24.45 16.48 -2.59
CA THR A 406 25.51 15.51 -2.37
C THR A 406 26.65 15.72 -3.37
N ASN A 407 26.27 16.02 -4.61
CA ASN A 407 27.26 16.32 -5.63
C ASN A 407 28.13 17.54 -5.28
N PHE A 408 27.53 18.57 -4.70
CA PHE A 408 28.28 19.75 -4.30
C PHE A 408 29.20 19.43 -3.13
N SER A 409 28.71 18.57 -2.24
CA SER A 409 29.51 18.07 -1.13
C SER A 409 30.71 17.28 -1.66
N LYS A 410 30.49 16.46 -2.68
CA LYS A 410 31.59 15.71 -3.32
C LYS A 410 32.60 16.66 -3.95
N LEU A 411 32.10 17.73 -4.57
CA LEU A 411 32.96 18.72 -5.18
C LEU A 411 33.87 19.38 -4.14
N ALA A 412 33.32 19.71 -2.96
CA ALA A 412 34.12 20.29 -1.88
C ALA A 412 35.26 19.38 -1.45
N VAL A 413 34.97 18.09 -1.29
CA VAL A 413 35.99 17.14 -0.87
C VAL A 413 37.11 16.99 -1.91
N ALA A 414 36.75 16.90 -3.20
CA ALA A 414 37.76 16.76 -4.26
C ALA A 414 38.67 17.99 -4.33
N PHE A 415 38.04 19.16 -4.22
CA PHE A 415 38.73 20.45 -4.19
C PHE A 415 39.76 20.48 -3.06
N ALA A 416 39.29 20.11 -1.87
CA ALA A 416 40.12 20.11 -0.68
C ALA A 416 41.28 19.15 -0.83
N ILE A 417 41.00 17.92 -1.26
CA ILE A 417 42.04 16.90 -1.33
C ILE A 417 43.06 17.21 -2.42
N GLU A 418 42.58 17.53 -3.62
CA GLU A 418 43.49 17.83 -4.73
C GLU A 418 44.41 19.01 -4.42
N LEU A 419 43.87 20.11 -3.92
CA LEU A 419 44.69 21.32 -3.73
C LEU A 419 45.55 21.27 -2.45
N ALA A 420 45.04 20.66 -1.38
CA ALA A 420 45.80 20.60 -0.12
C ALA A 420 46.90 19.54 -0.13
N SER A 421 46.91 18.68 -1.14
CA SER A 421 47.88 17.60 -1.24
C SER A 421 49.11 18.00 -2.06
N GLU A 422 49.06 19.21 -2.61
CA GLU A 422 50.13 19.73 -3.45
C GLU A 422 50.71 21.02 -2.87
N LEU A 423 52.02 21.21 -2.99
CA LEU A 423 52.58 22.46 -2.53
C LEU A 423 53.39 23.02 -3.68
N GLU A 424 53.13 24.29 -4.02
CA GLU A 424 53.79 24.97 -5.13
C GLU A 424 55.32 24.79 -5.18
N SER B 47 28.77 -5.15 -16.19
CA SER B 47 28.91 -4.46 -14.91
C SER B 47 27.58 -4.03 -14.25
N PRO B 48 26.63 -3.45 -15.01
CA PRO B 48 25.38 -3.09 -14.32
C PRO B 48 24.51 -4.30 -14.01
N VAL B 49 23.80 -4.25 -12.89
CA VAL B 49 23.03 -5.40 -12.39
C VAL B 49 21.76 -5.68 -13.20
N HIS B 50 21.50 -6.97 -13.45
CA HIS B 50 20.30 -7.42 -14.12
C HIS B 50 19.33 -8.02 -13.12
N GLU B 51 18.04 -7.83 -13.36
CA GLU B 51 17.01 -8.45 -12.53
C GLU B 51 15.95 -9.08 -13.41
N GLN B 52 15.29 -10.13 -12.91
CA GLN B 52 14.29 -10.78 -13.72
C GLN B 52 12.92 -10.64 -13.05
N LEU B 53 11.93 -10.25 -13.86
CA LEU B 53 10.58 -9.94 -13.36
C LEU B 53 9.53 -10.80 -14.06
N GLN B 54 8.59 -11.30 -13.27
CA GLN B 54 7.41 -11.92 -13.82
C GLN B 54 6.34 -10.83 -14.01
N VAL B 55 5.87 -10.69 -15.24
CA VAL B 55 4.99 -9.59 -15.63
C VAL B 55 3.72 -10.10 -16.35
N PRO B 56 2.55 -9.59 -15.96
CA PRO B 56 1.32 -9.94 -16.67
C PRO B 56 1.36 -9.47 -18.12
N GLN B 57 0.75 -10.23 -19.02
CA GLN B 57 0.76 -9.92 -20.45
C GLN B 57 0.20 -8.54 -20.74
N CYS B 58 -0.86 -8.16 -20.02
CA CYS B 58 -1.50 -6.86 -20.24
C CYS B 58 -0.52 -5.71 -19.97
N LEU B 59 0.41 -5.93 -19.05
CA LEU B 59 1.39 -4.90 -18.71
C LEU B 59 2.61 -5.00 -19.64
N ALA B 60 3.04 -6.23 -19.89
CA ALA B 60 4.22 -6.50 -20.72
C ALA B 60 4.07 -5.92 -22.12
N ALA B 61 2.83 -5.86 -22.60
CA ALA B 61 2.52 -5.30 -23.90
C ALA B 61 2.85 -3.82 -23.99
N LYS B 62 3.03 -3.18 -22.84
CA LYS B 62 3.19 -1.73 -22.81
C LYS B 62 4.61 -1.29 -22.44
N ILE B 63 5.50 -2.26 -22.23
CA ILE B 63 6.86 -1.98 -21.81
C ILE B 63 7.70 -1.45 -22.94
N THR B 64 8.37 -0.32 -22.71
CA THR B 64 9.21 0.30 -23.74
C THR B 64 10.71 0.23 -23.45
N VAL B 65 11.08 0.06 -22.18
CA VAL B 65 12.50 -0.04 -21.81
C VAL B 65 13.09 -1.33 -22.39
N PRO B 66 14.41 -1.34 -22.61
CA PRO B 66 15.05 -2.54 -23.15
C PRO B 66 14.84 -3.75 -22.26
N HIS B 67 14.60 -4.91 -22.85
CA HIS B 67 14.37 -6.12 -22.07
C HIS B 67 14.45 -7.35 -22.96
N LYS B 68 14.87 -8.46 -22.36
CA LYS B 68 14.88 -9.74 -23.06
C LYS B 68 13.80 -10.66 -22.45
N ILE B 69 13.07 -11.37 -23.28
CA ILE B 69 12.06 -12.29 -22.77
C ILE B 69 12.69 -13.66 -22.50
N LEU B 70 12.57 -14.12 -21.26
CA LEU B 70 13.16 -15.37 -20.83
C LEU B 70 12.18 -16.52 -21.05
N ALA B 71 10.89 -16.20 -20.92
CA ALA B 71 9.82 -17.19 -21.01
C ALA B 71 8.47 -16.48 -21.08
N GLU B 72 7.48 -17.19 -21.56
CA GLU B 72 6.18 -16.61 -21.84
C GLU B 72 5.11 -17.70 -21.87
N ASN B 73 3.94 -17.40 -21.33
CA ASN B 73 2.76 -18.22 -21.54
C ASN B 73 1.56 -17.30 -21.75
N LYS B 74 0.35 -17.85 -21.69
CA LYS B 74 -0.83 -17.04 -21.98
C LYS B 74 -0.94 -15.83 -21.07
N GLU B 75 -0.56 -15.99 -19.81
CA GLU B 75 -0.86 -14.97 -18.81
C GLU B 75 0.33 -14.08 -18.44
N PHE B 76 1.54 -14.61 -18.57
CA PHE B 76 2.73 -13.93 -18.06
C PHE B 76 3.87 -13.96 -19.08
N LYS B 77 4.73 -12.94 -19.02
CA LYS B 77 6.09 -13.04 -19.52
C LYS B 77 7.05 -12.96 -18.35
N ILE B 78 8.18 -13.66 -18.44
CA ILE B 78 9.27 -13.37 -17.52
C ILE B 78 10.38 -12.69 -18.32
N ILE B 79 10.74 -11.48 -17.90
CA ILE B 79 11.69 -10.66 -18.64
C ILE B 79 12.94 -10.33 -17.84
N ASP B 80 14.00 -9.97 -18.55
CA ASP B 80 15.25 -9.56 -17.95
C ASP B 80 15.47 -8.08 -18.20
N VAL B 81 15.68 -7.30 -17.14
CA VAL B 81 15.92 -5.87 -17.25
C VAL B 81 17.10 -5.39 -16.41
N LEU B 82 17.62 -4.22 -16.75
CA LEU B 82 18.56 -3.53 -15.88
C LEU B 82 17.85 -3.13 -14.57
N SER B 83 18.51 -3.36 -13.44
CA SER B 83 17.99 -2.91 -12.15
C SER B 83 17.61 -1.42 -12.18
N SER B 84 18.36 -0.62 -12.94
CA SER B 84 18.12 0.80 -13.01
C SER B 84 16.86 1.13 -13.82
N ASP B 85 16.27 0.13 -14.46
CA ASP B 85 15.04 0.34 -15.22
C ASP B 85 13.79 -0.13 -14.48
N VAL B 86 13.98 -0.77 -13.33
CA VAL B 86 12.87 -1.35 -12.61
C VAL B 86 11.86 -0.29 -12.14
N GLU B 87 12.35 0.83 -11.64
CA GLU B 87 11.45 1.85 -11.10
C GLU B 87 10.58 2.45 -12.19
N THR B 88 11.12 2.53 -13.40
CA THR B 88 10.36 3.01 -14.54
C THR B 88 9.18 2.07 -14.81
N LEU B 89 9.40 0.79 -14.60
CA LEU B 89 8.34 -0.21 -14.75
C LEU B 89 7.29 -0.06 -13.66
N THR B 90 7.71 0.32 -12.47
CA THR B 90 6.77 0.55 -11.39
C THR B 90 5.82 1.68 -11.74
N ILE B 91 6.38 2.76 -12.28
CA ILE B 91 5.59 3.92 -12.65
C ILE B 91 4.64 3.57 -13.80
N LEU B 92 5.14 2.78 -14.75
CA LEU B 92 4.31 2.30 -15.84
C LEU B 92 3.15 1.45 -15.33
N ALA B 93 3.45 0.52 -14.43
CA ALA B 93 2.39 -0.36 -13.89
C ALA B 93 1.29 0.45 -13.19
N ASP B 94 1.68 1.52 -12.50
CA ASP B 94 0.70 2.40 -11.85
C ASP B 94 -0.24 3.03 -12.87
N LYS B 95 0.28 3.38 -14.05
CA LYS B 95 -0.56 4.07 -15.02
C LYS B 95 -1.40 3.12 -15.88
N VAL B 96 -0.86 1.93 -16.16
CA VAL B 96 -1.58 0.92 -16.94
C VAL B 96 -2.71 0.32 -16.10
N SER B 97 -2.50 0.26 -14.79
CA SER B 97 -3.51 -0.20 -13.83
C SER B 97 -4.12 -1.56 -14.18
N CYS B 98 -3.27 -2.52 -14.53
CA CYS B 98 -3.77 -3.87 -14.73
C CYS B 98 -2.99 -4.85 -13.87
N GLY B 99 -2.16 -4.32 -12.97
CA GLY B 99 -1.38 -5.14 -12.07
C GLY B 99 0.10 -4.80 -12.08
N HIS B 100 0.84 -5.32 -11.09
CA HIS B 100 2.26 -5.05 -11.02
C HIS B 100 3.09 -6.25 -11.42
N PHE B 101 4.24 -6.41 -10.81
CA PHE B 101 5.12 -7.50 -11.19
C PHE B 101 5.74 -8.11 -9.93
N VAL B 102 6.28 -9.29 -10.08
CA VAL B 102 6.97 -9.99 -9.01
C VAL B 102 8.41 -10.19 -9.44
N ASN B 103 9.34 -9.81 -8.56
CA ASN B 103 10.76 -9.97 -8.82
C ASN B 103 11.16 -11.42 -8.59
N VAL B 104 11.55 -12.13 -9.64
CA VAL B 104 11.89 -13.55 -9.47
C VAL B 104 13.38 -13.80 -9.65
N SER B 105 14.19 -12.75 -9.54
CA SER B 105 15.64 -12.89 -9.66
C SER B 105 16.20 -13.99 -8.76
N HIS B 106 15.77 -14.05 -7.50
CA HIS B 106 16.35 -15.05 -6.59
C HIS B 106 16.01 -16.48 -6.98
N LYS B 107 14.84 -16.67 -7.56
CA LYS B 107 14.39 -18.00 -7.92
C LYS B 107 15.20 -18.57 -9.07
N LEU B 108 15.82 -17.71 -9.86
CA LEU B 108 16.63 -18.17 -10.99
C LEU B 108 18.07 -18.46 -10.56
N GLN B 116 18.99 -18.40 -16.40
CA GLN B 116 18.90 -19.28 -17.56
C GLN B 116 17.43 -19.38 -17.99
N GLN B 117 17.19 -19.43 -19.28
CA GLN B 117 15.83 -19.40 -19.79
C GLN B 117 15.00 -20.61 -19.39
N GLN B 118 15.63 -21.75 -19.18
CA GLN B 118 14.88 -22.96 -18.84
C GLN B 118 14.34 -22.91 -17.39
N SER B 119 15.10 -22.29 -16.49
CA SER B 119 14.59 -22.08 -15.14
C SER B 119 13.34 -21.20 -15.20
N ALA B 120 13.40 -20.17 -16.04
CA ALA B 120 12.27 -19.27 -16.20
C ALA B 120 11.03 -19.95 -16.77
N GLN B 121 11.19 -20.82 -17.78
CA GLN B 121 10.03 -21.49 -18.35
C GLN B 121 9.44 -22.48 -17.38
N LYS B 122 10.28 -23.12 -16.59
CA LYS B 122 9.79 -24.08 -15.59
C LYS B 122 9.00 -23.35 -14.52
N LEU B 123 9.39 -22.10 -14.24
CA LEU B 123 8.65 -21.26 -13.30
C LEU B 123 7.21 -21.05 -13.75
N LEU B 124 7.01 -20.85 -15.05
CA LEU B 124 5.68 -20.52 -15.53
C LEU B 124 4.70 -21.69 -15.67
N GLN B 125 5.07 -22.91 -15.26
CA GLN B 125 4.12 -24.03 -15.32
C GLN B 125 3.69 -24.44 -13.91
N LYS B 126 2.38 -24.41 -13.65
CA LYS B 126 1.87 -24.81 -12.34
C LYS B 126 1.52 -26.31 -12.22
N LYS B 127 1.69 -26.87 -11.02
CA LYS B 127 1.37 -28.26 -10.73
C LYS B 127 -0.15 -28.44 -10.73
N LEU B 128 -0.69 -28.81 -11.87
CA LEU B 128 -2.14 -28.91 -12.06
C LEU B 128 -2.82 -29.96 -11.17
N VAL B 129 -3.54 -29.47 -10.15
CA VAL B 129 -4.32 -30.32 -9.25
C VAL B 129 -5.74 -29.79 -9.05
N LYS B 130 -6.64 -30.64 -8.54
CA LYS B 130 -8.03 -30.22 -8.32
C LYS B 130 -8.38 -30.19 -6.84
N PRO B 131 -8.29 -28.99 -6.22
CA PRO B 131 -8.68 -28.66 -4.85
C PRO B 131 -10.04 -29.15 -4.36
N PHE B 132 -11.14 -28.83 -5.06
CA PHE B 132 -12.45 -29.01 -4.45
C PHE B 132 -12.73 -30.48 -4.17
N GLY B 133 -12.71 -30.75 -2.87
CA GLY B 133 -12.91 -32.06 -2.29
C GLY B 133 -14.15 -32.05 -1.44
N VAL B 134 -13.98 -32.53 -0.22
CA VAL B 134 -15.06 -32.62 0.75
C VAL B 134 -14.84 -31.57 1.81
N SER B 135 -15.80 -30.65 1.93
CA SER B 135 -15.72 -29.61 2.93
C SER B 135 -15.72 -30.20 4.35
N LYS B 136 -14.84 -29.68 5.19
CA LYS B 136 -14.71 -29.97 6.61
C LYS B 136 -15.69 -29.12 7.40
N LEU B 137 -16.46 -29.70 8.32
CA LEU B 137 -17.62 -28.97 8.86
C LEU B 137 -17.67 -28.62 10.35
N HIS B 138 -16.70 -29.07 11.15
CA HIS B 138 -16.80 -28.76 12.58
C HIS B 138 -15.65 -27.95 13.17
N LYS B 139 -14.61 -27.64 12.39
CA LYS B 139 -13.49 -26.90 12.93
C LYS B 139 -13.83 -25.46 13.34
N ASP B 140 -14.25 -24.66 12.36
CA ASP B 140 -14.50 -23.23 12.54
C ASP B 140 -13.15 -22.63 12.94
N VAL B 141 -12.31 -22.38 11.95
CA VAL B 141 -10.88 -22.11 12.20
C VAL B 141 -10.64 -20.75 12.86
N TYR B 142 -11.53 -19.80 12.59
CA TYR B 142 -11.32 -18.44 13.08
C TYR B 142 -12.54 -17.97 13.85
N GLU B 143 -12.37 -17.74 15.15
CA GLU B 143 -13.51 -17.36 15.97
C GLU B 143 -13.24 -16.14 16.83
N ILE B 144 -14.31 -15.54 17.30
CA ILE B 144 -14.26 -14.41 18.22
C ILE B 144 -14.61 -14.87 19.64
N LYS B 145 -13.59 -15.00 20.49
CA LYS B 145 -13.73 -15.63 21.80
C LYS B 145 -12.99 -14.90 22.92
N HIS B 146 -12.44 -13.72 22.64
CA HIS B 146 -11.63 -13.01 23.62
C HIS B 146 -11.97 -11.52 23.68
N GLU B 147 -13.26 -11.26 23.74
CA GLU B 147 -13.84 -9.93 23.68
C GLU B 147 -13.29 -8.99 24.75
N GLU B 148 -13.25 -9.47 26.00
CA GLU B 148 -12.81 -8.62 27.10
C GLU B 148 -11.35 -8.25 26.95
N GLU B 149 -10.51 -9.22 26.63
CA GLU B 149 -9.08 -8.95 26.48
C GLU B 149 -8.86 -8.03 25.27
N VAL B 150 -9.53 -8.30 24.16
CA VAL B 150 -9.35 -7.47 22.99
C VAL B 150 -9.83 -6.04 23.26
N ASN B 151 -10.98 -5.89 23.90
CA ASN B 151 -11.53 -4.58 24.22
C ASN B 151 -10.59 -3.80 25.14
N ALA B 152 -10.02 -4.47 26.13
CA ALA B 152 -9.03 -3.83 27.00
C ALA B 152 -7.78 -3.38 26.21
N ALA B 153 -7.34 -4.20 25.26
CA ALA B 153 -6.15 -3.88 24.47
C ALA B 153 -6.39 -2.70 23.52
N LEU B 154 -7.58 -2.65 22.95
CA LEU B 154 -7.96 -1.59 22.04
C LEU B 154 -7.93 -0.20 22.70
N LYS B 155 -8.30 -0.15 23.97
CA LYS B 155 -8.21 1.12 24.71
C LYS B 155 -6.78 1.58 24.95
N GLU B 156 -5.82 0.67 24.82
CA GLU B 156 -4.41 0.97 25.10
C GLU B 156 -3.68 1.46 23.87
N ILE B 157 -4.34 1.37 22.71
CA ILE B 157 -3.70 1.82 21.47
C ILE B 157 -3.53 3.34 21.59
N VAL B 158 -2.34 3.85 21.32
CA VAL B 158 -2.06 5.28 21.49
C VAL B 158 -1.87 5.89 20.11
N SER B 159 -2.87 6.66 19.67
CA SER B 159 -2.85 7.23 18.33
C SER B 159 -1.64 8.14 18.08
N ASP B 160 -1.24 8.91 19.10
CA ASP B 160 -0.11 9.82 18.92
C ASP B 160 1.20 9.06 18.68
N ASN B 161 1.31 7.82 19.18
CA ASN B 161 2.51 7.01 18.91
C ASN B 161 2.61 6.70 17.42
N ILE B 162 1.48 6.38 16.82
CA ILE B 162 1.45 6.08 15.39
C ILE B 162 1.93 7.31 14.60
N TRP B 163 1.43 8.48 14.98
CA TRP B 163 1.76 9.73 14.32
C TRP B 163 3.26 10.05 14.44
N GLN B 164 3.84 9.82 15.62
CA GLN B 164 5.27 10.08 15.84
C GLN B 164 6.17 9.12 15.06
N THR B 165 5.81 7.85 15.04
CA THR B 165 6.54 6.87 14.26
C THR B 165 6.55 7.27 12.78
N LEU B 166 5.38 7.69 12.31
CA LEU B 166 5.22 8.08 10.92
C LEU B 166 6.07 9.34 10.64
N THR B 167 6.09 10.25 11.60
CA THR B 167 6.92 11.46 11.51
C THR B 167 8.39 11.08 11.35
N HIS B 168 8.87 10.12 12.15
CA HIS B 168 10.27 9.72 12.01
C HIS B 168 10.54 9.03 10.64
N MET B 169 9.65 8.15 10.22
CA MET B 169 9.88 7.41 8.97
C MET B 169 9.92 8.35 7.77
N THR B 170 9.04 9.35 7.76
CA THR B 170 8.96 10.25 6.61
C THR B 170 10.08 11.29 6.65
N SER B 171 10.86 11.32 7.73
CA SER B 171 11.93 12.32 7.83
C SER B 171 13.20 11.90 7.04
N TYR B 172 13.27 10.64 6.62
CA TYR B 172 14.33 10.23 5.68
C TYR B 172 14.00 10.76 4.29
N TYR B 173 15.01 11.12 3.51
CA TYR B 173 14.80 11.57 2.15
C TYR B 173 14.01 10.53 1.36
N ASN B 174 14.41 9.26 1.51
CA ASN B 174 13.62 8.13 1.07
C ASN B 174 14.02 6.93 1.93
N ARG B 175 13.36 5.78 1.74
CA ARG B 175 13.74 4.57 2.46
C ARG B 175 13.97 3.42 1.47
N SER B 176 14.64 3.73 0.37
CA SER B 176 14.84 2.77 -0.69
C SER B 176 15.76 1.64 -0.28
N ALA B 177 15.45 0.44 -0.75
CA ALA B 177 16.17 -0.76 -0.38
C ALA B 177 17.60 -0.79 -0.91
N THR B 178 17.91 0.09 -1.86
CA THR B 178 19.27 0.18 -2.40
C THR B 178 20.08 1.29 -1.73
N LYS B 179 19.50 1.96 -0.74
CA LYS B 179 20.12 3.14 -0.11
C LYS B 179 20.42 2.93 1.37
N ASP B 180 21.40 3.66 1.89
CA ASP B 180 21.75 3.63 3.30
C ASP B 180 20.58 3.99 4.22
N THR B 181 19.73 4.93 3.79
CA THR B 181 18.52 5.26 4.57
C THR B 181 17.58 4.07 4.68
N GLY B 182 17.58 3.21 3.66
CA GLY B 182 16.79 1.99 3.71
C GLY B 182 17.30 1.10 4.84
N VAL B 183 18.62 1.04 4.99
CA VAL B 183 19.25 0.26 6.05
C VAL B 183 19.02 0.92 7.42
N ASP B 184 19.15 2.26 7.46
CA ASP B 184 18.88 3.04 8.68
C ASP B 184 17.48 2.78 9.22
N THR B 185 16.50 2.73 8.32
CA THR B 185 15.12 2.47 8.67
C THR B 185 14.98 1.14 9.41
N ALA B 186 15.55 0.08 8.82
CA ALA B 186 15.50 -1.26 9.38
C ALA B 186 16.17 -1.30 10.77
N ASN B 187 17.33 -0.67 10.91
CA ASN B 187 18.01 -0.59 12.21
C ASN B 187 17.17 0.15 13.23
N TRP B 188 16.50 1.20 12.77
CA TRP B 188 15.71 2.03 13.68
C TRP B 188 14.48 1.25 14.16
N LEU B 189 13.81 0.57 13.25
CA LEU B 189 12.67 -0.28 13.63
C LEU B 189 13.07 -1.40 14.60
N LYS B 190 14.20 -2.04 14.34
CA LYS B 190 14.63 -3.17 15.16
C LYS B 190 14.90 -2.68 16.58
N SER B 191 15.60 -1.57 16.66
CA SER B 191 15.96 -1.00 17.94
C SER B 191 14.73 -0.47 18.69
N LYS B 192 13.75 0.07 17.97
CA LYS B 192 12.53 0.54 18.65
C LYS B 192 11.79 -0.64 19.31
N PHE B 193 11.67 -1.76 18.59
CA PHE B 193 11.00 -2.96 19.11
C PHE B 193 11.70 -3.47 20.37
N GLU B 194 13.03 -3.54 20.32
CA GLU B 194 13.86 -4.06 21.42
C GLU B 194 13.79 -3.17 22.65
N GLN B 195 13.75 -1.85 22.41
CA GLN B 195 13.55 -0.89 23.48
C GLN B 195 12.23 -1.12 24.20
N MET B 196 11.17 -1.35 23.44
CA MET B 196 9.85 -1.56 24.03
C MET B 196 9.81 -2.83 24.85
N ALA B 197 10.45 -3.89 24.32
CA ALA B 197 10.49 -5.16 25.03
C ALA B 197 11.16 -5.02 26.39
N VAL B 198 12.29 -4.30 26.42
CA VAL B 198 13.00 -4.05 27.68
C VAL B 198 12.16 -3.18 28.60
N GLU B 199 11.55 -2.12 28.06
CA GLU B 199 10.74 -1.21 28.88
C GLU B 199 9.62 -1.90 29.63
N TYR B 200 8.97 -2.86 28.98
CA TYR B 200 7.80 -3.49 29.59
C TYR B 200 8.12 -4.84 30.19
N GLY B 201 9.42 -5.19 30.20
CA GLY B 201 9.84 -6.44 30.80
C GLY B 201 9.23 -7.68 30.15
N ARG B 202 9.03 -7.62 28.84
CA ARG B 202 8.54 -8.77 28.11
C ARG B 202 9.76 -9.63 27.83
N THR B 203 9.78 -10.85 28.36
CA THR B 203 11.00 -11.66 28.30
C THR B 203 11.00 -12.74 27.22
N ASP B 204 9.91 -12.88 26.47
CA ASP B 204 9.84 -13.97 25.50
C ASP B 204 9.98 -13.51 24.05
N THR B 205 10.72 -12.41 23.83
CA THR B 205 10.85 -11.87 22.48
C THR B 205 12.21 -12.09 21.85
N SER B 206 12.24 -11.91 20.53
CA SER B 206 13.48 -11.99 19.79
C SER B 206 13.34 -11.20 18.51
N THR B 207 14.46 -10.81 17.92
CA THR B 207 14.46 -10.10 16.65
C THR B 207 15.62 -10.62 15.81
N PHE B 208 15.43 -10.60 14.50
CA PHE B 208 16.52 -10.84 13.59
C PHE B 208 16.22 -10.26 12.21
N PHE B 209 17.30 -10.10 11.46
CA PHE B 209 17.24 -9.66 10.07
C PHE B 209 17.20 -10.84 9.11
N VAL B 210 16.42 -10.71 8.05
CA VAL B 210 16.50 -11.62 6.91
C VAL B 210 17.09 -10.85 5.74
N LYS B 211 18.22 -11.32 5.23
CA LYS B 211 18.90 -10.61 4.15
C LYS B 211 18.09 -10.63 2.86
N THR B 212 18.42 -9.68 1.98
CA THR B 212 17.63 -9.38 0.81
C THR B 212 18.51 -9.48 -0.44
N GLY B 213 19.35 -10.51 -0.52
CA GLY B 213 20.25 -10.66 -1.66
C GLY B 213 21.22 -9.50 -1.79
N TRP B 214 21.27 -8.88 -2.96
CA TRP B 214 22.21 -7.80 -3.19
C TRP B 214 21.63 -6.44 -2.72
N TYR B 215 20.36 -6.43 -2.31
CA TYR B 215 19.79 -5.22 -1.71
C TYR B 215 20.36 -5.01 -0.31
N LYS B 216 20.84 -3.80 -0.05
CA LYS B 216 21.36 -3.37 1.26
C LYS B 216 20.36 -3.54 2.43
N GLN B 217 19.10 -3.18 2.19
CA GLN B 217 18.09 -3.17 3.25
C GLN B 217 17.59 -4.58 3.56
N PRO B 218 17.75 -5.03 4.82
CA PRO B 218 17.24 -6.33 5.23
C PRO B 218 15.77 -6.23 5.65
N SER B 219 15.04 -7.35 5.64
CA SER B 219 13.73 -7.40 6.29
C SER B 219 13.90 -7.59 7.80
N LEU B 220 13.01 -6.99 8.58
CA LEU B 220 13.06 -7.16 10.02
C LEU B 220 12.00 -8.16 10.51
N VAL B 221 12.45 -9.22 11.17
CA VAL B 221 11.51 -10.18 11.77
C VAL B 221 11.58 -10.09 13.27
N THR B 222 10.44 -9.87 13.91
CA THR B 222 10.39 -9.82 15.37
C THR B 222 9.36 -10.83 15.84
N VAL B 223 9.57 -11.40 17.02
CA VAL B 223 8.65 -12.41 17.53
C VAL B 223 8.40 -12.21 19.01
N ILE B 224 7.14 -12.41 19.38
CA ILE B 224 6.68 -12.47 20.75
C ILE B 224 6.21 -13.89 21.05
N GLY B 225 6.90 -14.55 21.99
CA GLY B 225 6.65 -15.96 22.28
C GLY B 225 7.60 -16.83 21.48
N LYS B 226 8.89 -16.56 21.62
CA LYS B 226 9.92 -17.16 20.77
C LYS B 226 10.07 -18.68 20.92
N ASP B 227 9.65 -19.23 22.07
CA ASP B 227 9.85 -20.64 22.28
C ASP B 227 8.56 -21.45 22.15
N ILE B 228 7.47 -20.78 21.79
CA ILE B 228 6.21 -21.50 21.66
C ILE B 228 6.20 -22.30 20.36
N LYS B 229 5.99 -23.61 20.47
CA LYS B 229 6.01 -24.49 19.31
C LYS B 229 4.60 -24.73 18.80
N ALA B 230 4.12 -23.82 17.97
CA ALA B 230 2.78 -23.92 17.41
C ALA B 230 2.76 -23.03 16.19
N PRO B 231 1.85 -23.32 15.24
CA PRO B 231 1.76 -22.47 14.05
C PRO B 231 1.51 -21.00 14.41
N ALA B 232 2.33 -20.13 13.82
CA ALA B 232 2.42 -18.74 14.22
C ALA B 232 1.37 -17.84 13.58
N ILE B 233 1.15 -16.69 14.21
CA ILE B 233 0.39 -15.59 13.65
C ILE B 233 1.37 -14.51 13.13
N VAL B 234 1.18 -14.02 11.92
CA VAL B 234 2.09 -13.04 11.32
C VAL B 234 1.37 -11.73 10.95
N ILE B 235 1.94 -10.62 11.40
CA ILE B 235 1.44 -9.28 11.07
C ILE B 235 2.57 -8.51 10.37
N GLY B 236 2.30 -8.02 9.17
CA GLY B 236 3.34 -7.47 8.32
C GLY B 236 3.03 -6.10 7.73
N ALA B 237 4.07 -5.41 7.28
CA ALA B 237 4.01 -4.12 6.57
C ALA B 237 5.36 -3.97 5.84
N HIS B 238 5.48 -3.06 4.87
CA HIS B 238 6.80 -2.88 4.27
C HIS B 238 7.34 -1.48 4.59
N MET B 239 8.66 -1.44 4.77
CA MET B 239 9.36 -0.26 5.28
C MET B 239 9.95 0.62 4.18
N ASP B 240 9.99 0.14 2.95
CA ASP B 240 10.74 0.82 1.89
C ASP B 240 9.89 1.78 1.03
N THR B 241 10.58 2.56 0.22
CA THR B 241 9.98 3.49 -0.75
C THR B 241 10.75 3.35 -2.04
N LEU B 242 10.32 4.09 -3.07
CA LEU B 242 11.13 4.28 -4.26
C LEU B 242 12.31 5.22 -3.99
N ASP B 243 13.19 5.35 -4.98
CA ASP B 243 14.28 6.33 -4.95
C ASP B 243 13.74 7.74 -5.19
N GLY B 244 14.62 8.72 -5.08
CA GLY B 244 14.25 10.12 -5.18
C GLY B 244 13.71 10.61 -3.84
N ARG B 245 13.14 11.81 -3.84
CA ARG B 245 12.50 12.33 -2.65
CA ARG B 245 12.51 12.34 -2.64
C ARG B 245 11.15 11.63 -2.45
N MET B 246 11.08 10.73 -1.49
CA MET B 246 9.89 9.90 -1.27
C MET B 246 9.54 9.79 0.21
N PRO B 247 8.69 10.70 0.69
CA PRO B 247 8.27 10.59 2.10
C PRO B 247 7.57 9.26 2.39
N GLY B 248 6.90 8.67 1.40
CA GLY B 248 6.25 7.38 1.60
C GLY B 248 5.38 7.33 2.85
N ALA B 249 4.59 8.38 3.08
CA ALA B 249 3.76 8.45 4.28
C ALA B 249 2.61 7.45 4.24
N GLY B 250 1.79 7.53 3.20
CA GLY B 250 0.70 6.60 3.05
C GLY B 250 1.27 5.22 2.73
N ASP B 251 2.23 5.21 1.81
CA ASP B 251 2.77 3.96 1.27
C ASP B 251 4.29 3.80 1.51
N ASP B 252 4.71 3.06 2.54
CA ASP B 252 3.83 2.42 3.52
C ASP B 252 4.27 2.78 4.94
N GLY B 253 4.59 4.05 5.16
CA GLY B 253 4.85 4.53 6.50
C GLY B 253 3.66 4.29 7.42
N SER B 254 2.46 4.48 6.88
CA SER B 254 1.24 4.34 7.68
C SER B 254 1.06 2.91 8.21
N GLY B 255 1.20 1.92 7.33
CA GLY B 255 1.10 0.51 7.74
C GLY B 255 2.19 0.13 8.74
N SER B 256 3.42 0.54 8.44
CA SER B 256 4.55 0.29 9.35
C SER B 256 4.31 0.84 10.76
N SER B 257 3.74 2.05 10.84
CA SER B 257 3.45 2.72 12.10
C SER B 257 2.25 2.11 12.83
N SER B 258 1.20 1.77 12.08
CA SER B 258 0.05 1.07 12.64
C SER B 258 0.47 -0.23 13.31
N ILE B 259 1.32 -1.03 12.66
CA ILE B 259 1.64 -2.32 13.29
C ILE B 259 2.72 -2.16 14.40
N MET B 260 3.53 -1.11 14.35
CA MET B 260 4.46 -0.87 15.45
C MET B 260 3.69 -0.57 16.76
N GLU B 261 2.60 0.19 16.67
CA GLU B 261 1.82 0.48 17.86
C GLU B 261 1.03 -0.76 18.34
N ALA B 262 0.57 -1.59 17.42
CA ALA B 262 -0.03 -2.86 17.84
C ALA B 262 1.01 -3.72 18.58
N ALA B 263 2.24 -3.76 18.07
CA ALA B 263 3.31 -4.50 18.71
C ALA B 263 3.57 -3.98 20.13
N ARG B 264 3.59 -2.66 20.29
CA ARG B 264 3.78 -2.06 21.62
C ARG B 264 2.72 -2.57 22.61
N VAL B 265 1.46 -2.60 22.20
CA VAL B 265 0.38 -3.06 23.07
C VAL B 265 0.55 -4.53 23.47
N ILE B 266 0.95 -5.40 22.52
CA ILE B 266 1.20 -6.81 22.88
C ILE B 266 2.43 -6.94 23.80
N LEU B 267 3.45 -6.13 23.53
CA LEU B 267 4.66 -6.17 24.35
C LEU B 267 4.38 -5.74 25.78
N SER B 268 3.44 -4.80 25.95
CA SER B 268 3.09 -4.34 27.29
C SER B 268 2.14 -5.32 27.98
N SER B 269 1.65 -6.30 27.22
CA SER B 269 0.74 -7.31 27.75
C SER B 269 1.47 -8.29 28.65
N LYS B 270 0.80 -8.79 29.67
CA LYS B 270 1.36 -9.84 30.52
C LYS B 270 0.83 -11.20 30.13
N THR B 271 -0.01 -11.25 29.10
CA THR B 271 -0.61 -12.51 28.65
C THR B 271 0.41 -13.47 28.04
N THR B 272 0.31 -14.73 28.42
CA THR B 272 0.98 -15.83 27.73
C THR B 272 0.04 -16.38 26.66
N PHE B 273 0.42 -16.26 25.40
CA PHE B 273 -0.41 -16.75 24.30
C PHE B 273 -0.12 -18.20 23.98
N LYS B 274 -0.92 -18.79 23.09
CA LYS B 274 -0.71 -20.17 22.70
C LYS B 274 0.04 -20.30 21.37
N ARG B 275 0.24 -19.19 20.68
CA ARG B 275 1.03 -19.19 19.45
C ARG B 275 2.09 -18.08 19.49
N PRO B 276 3.20 -18.29 18.78
CA PRO B 276 4.12 -17.16 18.60
C PRO B 276 3.48 -16.10 17.72
N ILE B 277 3.77 -14.85 18.02
CA ILE B 277 3.24 -13.73 17.24
C ILE B 277 4.41 -13.03 16.58
N TYR B 278 4.42 -13.00 15.26
CA TYR B 278 5.47 -12.28 14.51
C TYR B 278 4.97 -10.93 14.02
N PHE B 279 5.79 -9.89 14.23
CA PHE B 279 5.61 -8.61 13.56
C PHE B 279 6.77 -8.45 12.61
N ILE B 280 6.47 -8.20 11.34
CA ILE B 280 7.49 -8.20 10.31
C ILE B 280 7.44 -6.95 9.46
N TRP B 281 8.58 -6.29 9.28
CA TRP B 281 8.67 -5.18 8.36
C TRP B 281 9.53 -5.61 7.17
N TYR B 282 8.89 -5.77 6.00
CA TYR B 282 9.56 -6.29 4.80
C TYR B 282 10.37 -5.23 4.11
N ALA B 283 11.54 -5.65 3.61
CA ALA B 283 12.38 -4.82 2.74
C ALA B 283 11.91 -4.89 1.29
N ALA B 284 12.22 -3.86 0.52
CA ALA B 284 12.20 -3.93 -0.95
C ALA B 284 10.86 -4.42 -1.56
N GLU B 285 9.73 -4.06 -0.97
CA GLU B 285 8.43 -4.43 -1.54
C GLU B 285 8.25 -3.73 -2.88
N GLU B 286 8.80 -2.52 -2.99
CA GLU B 286 8.64 -1.70 -4.18
C GLU B 286 9.46 -2.21 -5.36
N ARG B 287 10.35 -3.16 -5.09
CA ARG B 287 11.19 -3.75 -6.13
C ARG B 287 10.56 -5.02 -6.68
N GLY B 288 9.31 -5.29 -6.28
CA GLY B 288 8.59 -6.48 -6.70
C GLY B 288 8.51 -7.59 -5.64
N LEU B 289 8.18 -7.20 -4.40
CA LEU B 289 7.98 -8.13 -3.28
C LEU B 289 9.23 -8.93 -2.94
N VAL B 290 10.41 -8.31 -3.07
CA VAL B 290 11.67 -9.03 -2.88
C VAL B 290 11.85 -9.50 -1.44
N GLY B 291 11.63 -8.61 -0.48
CA GLY B 291 11.81 -8.94 0.93
C GLY B 291 10.84 -9.97 1.48
N SER B 292 9.55 -9.86 1.15
CA SER B 292 8.60 -10.84 1.67
C SER B 292 8.88 -12.23 1.07
N GLN B 293 9.35 -12.27 -0.17
CA GLN B 293 9.74 -13.55 -0.75
C GLN B 293 10.91 -14.18 -0.01
N HIS B 294 11.92 -13.38 0.37
CA HIS B 294 13.03 -13.89 1.17
C HIS B 294 12.58 -14.35 2.55
N VAL B 295 11.66 -13.61 3.17
CA VAL B 295 11.17 -13.96 4.50
C VAL B 295 10.36 -15.27 4.45
N VAL B 296 9.48 -15.42 3.46
CA VAL B 296 8.68 -16.64 3.31
C VAL B 296 9.61 -17.85 3.09
N GLN B 297 10.62 -17.64 2.27
CA GLN B 297 11.61 -18.67 2.03
C GLN B 297 12.35 -19.05 3.32
N HIS B 298 12.71 -18.04 4.11
CA HIS B 298 13.34 -18.28 5.40
C HIS B 298 12.44 -19.15 6.29
N PHE B 299 11.15 -18.82 6.36
CA PHE B 299 10.19 -19.60 7.16
C PHE B 299 10.06 -21.05 6.67
N GLN B 300 10.06 -21.24 5.36
CA GLN B 300 9.98 -22.59 4.81
C GLN B 300 11.27 -23.37 5.06
N GLU B 301 12.40 -22.73 4.84
CA GLU B 301 13.67 -23.38 5.06
C GLU B 301 13.88 -23.80 6.51
N GLN B 302 13.36 -23.00 7.44
CA GLN B 302 13.53 -23.32 8.86
C GLN B 302 12.36 -24.10 9.42
N SER B 303 11.43 -24.49 8.54
CA SER B 303 10.23 -25.21 8.95
C SER B 303 9.48 -24.52 10.10
N ILE B 304 9.28 -23.21 9.98
CA ILE B 304 8.46 -22.47 10.94
C ILE B 304 7.01 -22.47 10.45
N PRO B 305 6.13 -23.24 11.13
CA PRO B 305 4.73 -23.31 10.69
C PRO B 305 3.98 -22.00 10.94
N VAL B 306 3.14 -21.63 9.99
CA VAL B 306 2.37 -20.39 10.08
C VAL B 306 0.88 -20.65 9.88
N LYS B 307 0.06 -20.21 10.81
CA LYS B 307 -1.39 -20.37 10.75
C LYS B 307 -2.04 -19.30 9.86
N ALA B 308 -1.66 -18.03 10.05
CA ALA B 308 -2.35 -16.94 9.36
C ALA B 308 -1.49 -15.69 9.28
N VAL B 309 -1.63 -14.97 8.16
CA VAL B 309 -0.85 -13.78 7.89
C VAL B 309 -1.80 -12.64 7.53
N VAL B 310 -1.55 -11.46 8.08
CA VAL B 310 -2.26 -10.28 7.62
C VAL B 310 -1.21 -9.23 7.18
N GLN B 311 -1.53 -8.51 6.12
CA GLN B 311 -0.66 -7.50 5.57
C GLN B 311 -1.26 -6.10 5.71
N PHE B 312 -0.45 -5.16 6.22
CA PHE B 312 -0.91 -3.77 6.27
C PHE B 312 -0.10 -2.91 5.32
N ASP B 313 -0.71 -2.53 4.21
CA ASP B 313 -0.05 -1.70 3.21
C ASP B 313 -1.03 -0.58 2.88
N MET B 314 -0.78 0.57 3.52
CA MET B 314 -1.53 1.82 3.39
C MET B 314 -2.76 1.79 4.29
N THR B 315 -2.66 2.54 5.38
CA THR B 315 -3.69 2.51 6.41
C THR B 315 -4.24 3.89 6.75
N GLY B 316 -3.84 4.91 5.98
CA GLY B 316 -4.13 6.28 6.39
C GLY B 316 -4.96 7.20 5.51
N TYR B 317 -5.09 6.86 4.24
CA TYR B 317 -5.80 7.74 3.32
C TYR B 317 -7.27 7.39 3.23
N ARG B 318 -8.15 8.35 3.54
CA ARG B 318 -9.59 8.18 3.31
C ARG B 318 -10.01 8.93 2.06
N ASN B 319 -10.72 8.27 1.18
CA ASN B 319 -11.21 8.94 0.01
C ASN B 319 -12.17 10.04 0.44
N ASP B 320 -12.94 9.73 1.47
CA ASP B 320 -13.88 10.67 2.05
C ASP B 320 -13.64 10.69 3.56
N ALA B 321 -13.29 11.86 4.08
CA ALA B 321 -12.85 12.00 5.47
C ALA B 321 -13.89 11.54 6.48
N ASN B 322 -15.16 11.64 6.11
CA ASN B 322 -16.23 11.25 7.03
C ASN B 322 -16.72 9.83 6.79
N ASP B 323 -16.11 9.13 5.84
CA ASP B 323 -16.45 7.75 5.53
C ASP B 323 -15.36 6.82 6.06
N PRO B 324 -15.65 6.09 7.15
CA PRO B 324 -14.59 5.30 7.78
C PRO B 324 -14.47 3.87 7.23
N THR B 325 -15.09 3.59 6.09
CA THR B 325 -15.08 2.24 5.50
C THR B 325 -13.66 1.66 5.37
N MET B 326 -13.51 0.41 5.79
CA MET B 326 -12.25 -0.31 5.58
C MET B 326 -12.46 -1.37 4.49
N TRP B 327 -11.44 -1.57 3.66
CA TRP B 327 -11.57 -2.41 2.46
C TRP B 327 -10.83 -3.74 2.57
N VAL B 328 -11.49 -4.82 2.19
CA VAL B 328 -10.87 -6.14 2.21
C VAL B 328 -10.58 -6.59 0.78
N PHE B 329 -9.32 -6.92 0.50
CA PHE B 329 -8.97 -7.29 -0.87
C PHE B 329 -9.07 -8.78 -1.08
N THR B 330 -9.62 -9.15 -2.23
CA THR B 330 -10.12 -10.50 -2.45
C THR B 330 -9.29 -11.30 -3.44
N ASP B 331 -8.28 -10.70 -4.04
CA ASP B 331 -7.44 -11.48 -4.94
C ASP B 331 -6.11 -11.78 -4.28
N TYR B 332 -5.60 -12.97 -4.56
CA TYR B 332 -4.36 -13.45 -3.96
C TYR B 332 -4.45 -13.45 -2.44
N THR B 333 -5.66 -13.69 -1.92
CA THR B 333 -5.86 -13.80 -0.47
C THR B 333 -6.69 -15.02 -0.11
N ASP B 334 -6.62 -15.42 1.15
CA ASP B 334 -7.42 -16.55 1.63
C ASP B 334 -8.86 -16.11 1.93
N ARG B 335 -9.81 -16.84 1.39
CA ARG B 335 -11.22 -16.52 1.54
C ARG B 335 -11.72 -16.56 3.01
N ASP B 336 -11.44 -17.63 3.73
CA ASP B 336 -11.92 -17.71 5.11
C ASP B 336 -11.24 -16.68 6.02
N LEU B 337 -9.94 -16.46 5.84
CA LEU B 337 -9.22 -15.47 6.63
C LEU B 337 -9.73 -14.06 6.31
N SER B 338 -10.04 -13.81 5.04
CA SER B 338 -10.59 -12.52 4.65
C SER B 338 -11.98 -12.30 5.26
N ASN B 339 -12.80 -13.34 5.26
CA ASN B 339 -14.13 -13.27 5.88
C ASN B 339 -13.98 -12.99 7.36
N TYR B 340 -12.97 -13.60 7.97
CA TYR B 340 -12.71 -13.36 9.39
C TYR B 340 -12.33 -11.91 9.65
N LEU B 341 -11.49 -11.32 8.79
CA LEU B 341 -11.13 -9.91 8.93
C LEU B 341 -12.37 -9.02 8.92
N ALA B 342 -13.27 -9.28 7.97
CA ALA B 342 -14.53 -8.52 7.89
C ALA B 342 -15.32 -8.63 9.19
N LYS B 343 -15.33 -9.82 9.80
CA LYS B 343 -16.02 -10.00 11.07
C LYS B 343 -15.33 -9.19 12.18
N LEU B 344 -13.98 -9.21 12.20
CA LEU B 344 -13.23 -8.47 13.20
C LEU B 344 -13.51 -6.97 13.06
N ILE B 345 -13.50 -6.49 11.83
CA ILE B 345 -13.76 -5.08 11.59
C ILE B 345 -15.19 -4.72 12.04
N ASP B 346 -16.16 -5.55 11.65
CA ASP B 346 -17.52 -5.26 12.07
C ASP B 346 -17.67 -5.33 13.58
N HIS B 347 -17.16 -6.40 14.18
CA HIS B 347 -17.38 -6.64 15.61
C HIS B 347 -16.61 -5.68 16.52
N TYR B 348 -15.35 -5.40 16.19
CA TYR B 348 -14.50 -4.62 17.09
C TYR B 348 -14.26 -3.17 16.66
N ILE B 349 -14.34 -2.87 15.37
CA ILE B 349 -13.94 -1.54 14.90
C ILE B 349 -15.20 -0.72 14.62
N HIS B 350 -16.29 -1.40 14.29
CA HIS B 350 -17.60 -0.79 14.07
C HIS B 350 -17.61 0.23 12.92
N VAL B 351 -17.02 -0.15 11.80
CA VAL B 351 -17.06 0.67 10.59
C VAL B 351 -17.49 -0.23 9.43
N PRO B 352 -17.95 0.35 8.31
CA PRO B 352 -18.36 -0.55 7.22
C PRO B 352 -17.18 -1.28 6.57
N VAL B 353 -17.48 -2.43 5.97
CA VAL B 353 -16.52 -3.20 5.19
C VAL B 353 -16.96 -3.24 3.74
N ASP B 354 -16.01 -3.06 2.82
CA ASP B 354 -16.30 -3.23 1.40
C ASP B 354 -15.16 -4.00 0.73
N TYR B 355 -15.34 -4.37 -0.53
CA TYR B 355 -14.41 -5.33 -1.16
C TYR B 355 -13.81 -4.81 -2.45
N SER B 356 -12.57 -5.19 -2.73
CA SER B 356 -11.91 -4.73 -3.94
C SER B 356 -10.84 -5.72 -4.37
N ARG B 357 -10.23 -5.49 -5.53
CA ARG B 357 -9.06 -6.26 -5.96
C ARG B 357 -7.94 -5.32 -6.36
N CYS B 358 -6.69 -5.72 -6.13
CA CYS B 358 -5.59 -4.81 -6.46
C CYS B 358 -4.55 -5.43 -7.38
N GLY B 359 -4.79 -6.65 -7.87
CA GLY B 359 -3.98 -7.20 -8.93
C GLY B 359 -2.71 -7.95 -8.56
N TYR B 360 -2.09 -8.53 -9.59
CA TYR B 360 -0.90 -9.35 -9.42
C TYR B 360 0.27 -8.54 -8.84
N GLY B 361 0.98 -9.17 -7.91
CA GLY B 361 2.11 -8.54 -7.25
C GLY B 361 1.73 -7.30 -6.45
N CYS B 362 0.54 -7.29 -5.88
CA CYS B 362 0.01 -6.10 -5.24
C CYS B 362 0.77 -5.70 -3.97
N SER B 363 0.97 -6.65 -3.07
CA SER B 363 1.70 -6.38 -1.84
C SER B 363 2.17 -7.70 -1.23
N ASP B 364 2.78 -7.63 -0.06
CA ASP B 364 3.53 -8.76 0.51
C ASP B 364 2.70 -9.98 0.90
N HIS B 365 1.40 -9.81 1.10
CA HIS B 365 0.54 -10.98 1.34
C HIS B 365 0.62 -11.99 0.19
N ALA B 366 0.85 -11.48 -1.01
CA ALA B 366 0.90 -12.38 -2.18
C ALA B 366 2.04 -13.39 -2.07
N SER B 367 3.14 -12.99 -1.43
CA SER B 367 4.28 -13.90 -1.26
C SER B 367 3.89 -15.08 -0.39
N TRP B 368 3.08 -14.83 0.64
CA TRP B 368 2.59 -15.93 1.48
C TRP B 368 1.54 -16.81 0.77
N ASN B 369 0.58 -16.21 0.11
CA ASN B 369 -0.44 -16.93 -0.64
C ASN B 369 0.10 -17.76 -1.74
N GLU B 370 1.19 -17.33 -2.41
CA GLU B 370 1.74 -18.20 -3.46
C GLU B 370 2.23 -19.53 -2.87
N GLU B 371 2.55 -19.54 -1.58
CA GLU B 371 2.95 -20.79 -0.94
C GLU B 371 1.79 -21.46 -0.18
N ASP B 372 0.56 -21.08 -0.50
CA ASP B 372 -0.64 -21.63 0.16
C ASP B 372 -0.69 -21.49 1.68
N ILE B 373 -0.16 -20.38 2.16
CA ILE B 373 -0.32 -19.99 3.56
C ILE B 373 -1.43 -18.94 3.58
N PRO B 374 -2.42 -19.11 4.49
CA PRO B 374 -3.57 -18.18 4.54
C PRO B 374 -3.12 -16.74 4.82
N ALA B 375 -3.49 -15.84 3.92
CA ALA B 375 -3.06 -14.45 4.00
C ALA B 375 -4.22 -13.55 3.63
N ALA B 376 -4.30 -12.40 4.29
CA ALA B 376 -5.37 -11.42 4.07
C ALA B 376 -4.81 -10.00 4.04
N PHE B 377 -5.57 -9.10 3.42
CA PHE B 377 -5.10 -7.76 3.12
C PHE B 377 -6.25 -6.75 3.27
N PRO B 378 -6.34 -6.12 4.45
CA PRO B 378 -7.27 -4.98 4.62
C PRO B 378 -6.57 -3.70 4.17
N CYS B 379 -7.29 -2.76 3.56
CA CYS B 379 -6.64 -1.59 3.01
C CYS B 379 -7.50 -0.34 3.18
N GLU B 380 -6.86 0.82 3.05
CA GLU B 380 -7.45 2.12 3.36
C GLU B 380 -8.54 2.55 2.38
N THR B 381 -8.42 2.10 1.13
CA THR B 381 -9.37 2.46 0.07
C THR B 381 -9.59 1.27 -0.86
N SER B 382 -10.57 1.40 -1.75
CA SER B 382 -10.66 0.50 -2.89
C SER B 382 -9.50 0.77 -3.83
N PHE B 383 -9.25 -0.17 -4.75
CA PHE B 383 -8.26 0.03 -5.78
C PHE B 383 -8.60 1.24 -6.64
N ALA B 384 -9.87 1.37 -7.01
CA ALA B 384 -10.29 2.42 -7.94
C ALA B 384 -10.10 3.82 -7.35
N ASP B 385 -10.24 3.96 -6.03
CA ASP B 385 -10.15 5.28 -5.40
C ASP B 385 -8.88 5.45 -4.59
N HIS B 386 -7.78 4.82 -5.02
CA HIS B 386 -6.59 4.81 -4.16
C HIS B 386 -5.93 6.19 -4.10
N ASN B 387 -5.11 6.39 -3.09
CA ASN B 387 -4.34 7.63 -2.89
C ASN B 387 -3.59 7.99 -4.17
N PRO B 388 -3.93 9.13 -4.78
CA PRO B 388 -3.32 9.46 -6.08
C PRO B 388 -1.85 9.87 -6.03
N TYR B 389 -1.30 10.10 -4.83
CA TYR B 389 0.07 10.64 -4.73
C TYR B 389 1.08 9.57 -4.35
N ILE B 390 0.60 8.34 -4.30
CA ILE B 390 1.42 7.17 -4.04
C ILE B 390 2.60 7.12 -5.02
N HIS B 391 3.79 6.79 -4.53
CA HIS B 391 5.01 6.73 -5.35
C HIS B 391 5.44 8.06 -5.95
N THR B 392 5.07 9.17 -5.31
CA THR B 392 5.56 10.49 -5.72
C THR B 392 6.01 11.24 -4.47
N SER B 393 6.67 12.36 -4.67
CA SER B 393 7.17 13.15 -3.55
C SER B 393 6.03 13.82 -2.77
N SER B 394 4.80 13.73 -3.28
CA SER B 394 3.65 14.32 -2.58
C SER B 394 2.90 13.35 -1.66
N ASP B 395 3.41 12.11 -1.50
CA ASP B 395 2.80 11.13 -0.57
C ASP B 395 3.19 11.49 0.87
N LYS B 396 2.49 12.47 1.44
CA LYS B 396 2.89 13.08 2.71
C LYS B 396 1.87 12.90 3.82
N MET B 397 2.31 13.09 5.06
CA MET B 397 1.48 12.86 6.26
C MET B 397 0.21 13.71 6.31
N ASP B 398 0.25 14.92 5.79
CA ASP B 398 -0.92 15.79 5.92
C ASP B 398 -2.09 15.38 5.02
N LEU B 399 -1.87 14.39 4.17
CA LEU B 399 -2.93 13.79 3.37
C LEU B 399 -3.70 12.76 4.20
N LEU B 400 -3.13 12.34 5.31
CA LEU B 400 -3.57 11.10 5.95
C LEU B 400 -4.52 11.38 7.12
N ASN B 401 -5.21 10.33 7.55
CA ASN B 401 -6.25 10.42 8.56
C ASN B 401 -5.84 9.54 9.73
N LEU B 402 -5.62 10.14 10.92
CA LEU B 402 -5.08 9.39 12.03
C LEU B 402 -6.10 8.44 12.64
N GLU B 403 -7.39 8.77 12.54
CA GLU B 403 -8.39 7.80 12.98
C GLU B 403 -8.35 6.51 12.12
N HIS B 404 -8.21 6.66 10.80
CA HIS B 404 -8.10 5.52 9.89
C HIS B 404 -6.90 4.65 10.31
N MET B 405 -5.74 5.26 10.47
CA MET B 405 -4.53 4.50 10.82
C MET B 405 -4.69 3.81 12.17
N THR B 406 -5.37 4.48 13.10
CA THR B 406 -5.59 3.90 14.41
C THR B 406 -6.54 2.71 14.32
N ASN B 407 -7.56 2.82 13.47
CA ASN B 407 -8.45 1.70 13.26
C ASN B 407 -7.71 0.47 12.71
N PHE B 408 -6.75 0.66 11.79
CA PHE B 408 -5.99 -0.49 11.28
C PHE B 408 -5.07 -1.07 12.35
N SER B 409 -4.53 -0.19 13.18
CA SER B 409 -3.73 -0.64 14.30
C SER B 409 -4.54 -1.50 15.28
N LYS B 410 -5.77 -1.08 15.56
CA LYS B 410 -6.70 -1.84 16.39
C LYS B 410 -7.06 -3.19 15.76
N LEU B 411 -7.26 -3.19 14.45
CA LEU B 411 -7.53 -4.43 13.73
C LEU B 411 -6.37 -5.42 13.91
N ALA B 412 -5.14 -4.92 13.83
CA ALA B 412 -3.95 -5.76 14.02
C ALA B 412 -3.90 -6.41 15.40
N VAL B 413 -4.17 -5.62 16.43
CA VAL B 413 -4.18 -6.13 17.81
C VAL B 413 -5.28 -7.17 18.02
N ALA B 414 -6.47 -6.91 17.48
CA ALA B 414 -7.57 -7.86 17.61
C ALA B 414 -7.23 -9.18 16.92
N PHE B 415 -6.68 -9.06 15.72
CA PHE B 415 -6.25 -10.20 14.94
C PHE B 415 -5.25 -11.04 15.74
N ALA B 416 -4.22 -10.38 16.28
CA ALA B 416 -3.18 -11.09 17.03
C ALA B 416 -3.74 -11.79 18.24
N ILE B 417 -4.51 -11.06 19.04
CA ILE B 417 -5.00 -11.57 20.31
C ILE B 417 -6.00 -12.70 20.09
N GLU B 418 -6.97 -12.49 19.20
CA GLU B 418 -7.96 -13.55 18.98
C GLU B 418 -7.29 -14.84 18.50
N LEU B 419 -6.43 -14.75 17.49
CA LEU B 419 -5.89 -15.98 16.90
C LEU B 419 -4.76 -16.62 17.72
N ALA B 420 -3.95 -15.82 18.40
CA ALA B 420 -2.84 -16.40 19.14
C ALA B 420 -3.29 -17.00 20.48
N SER B 421 -4.55 -16.75 20.85
CA SER B 421 -5.08 -17.24 22.13
C SER B 421 -5.77 -18.60 22.01
N GLU B 422 -5.94 -19.09 20.78
CA GLU B 422 -6.63 -20.36 20.53
C GLU B 422 -5.77 -21.38 19.76
N LEU B 423 -5.88 -22.64 20.16
CA LEU B 423 -5.25 -23.77 19.47
C LEU B 423 -6.25 -24.90 19.24
N GLU B 424 -6.33 -25.45 18.02
CA GLU B 424 -7.14 -26.66 17.80
C GLU B 424 -6.74 -27.78 18.77
N SER C 47 -36.57 -55.81 -11.15
CA SER C 47 -37.70 -54.98 -10.75
C SER C 47 -37.35 -53.82 -9.80
N PRO C 48 -36.55 -54.05 -8.75
CA PRO C 48 -36.29 -52.88 -7.90
C PRO C 48 -35.27 -51.92 -8.52
N VAL C 49 -35.53 -50.62 -8.37
CA VAL C 49 -34.69 -49.60 -9.00
C VAL C 49 -33.39 -49.36 -8.22
N HIS C 50 -32.28 -49.25 -8.94
CA HIS C 50 -30.98 -48.96 -8.35
C HIS C 50 -30.58 -47.52 -8.61
N GLU C 51 -29.85 -46.91 -7.66
CA GLU C 51 -29.32 -45.57 -7.87
C GLU C 51 -27.87 -45.52 -7.43
N GLN C 52 -27.12 -44.60 -8.01
CA GLN C 52 -25.71 -44.47 -7.70
C GLN C 52 -25.43 -43.12 -7.06
N LEU C 53 -24.71 -43.13 -5.95
CA LEU C 53 -24.48 -41.93 -5.16
C LEU C 53 -22.97 -41.69 -4.97
N GLN C 54 -22.56 -40.44 -5.12
CA GLN C 54 -21.21 -40.06 -4.74
C GLN C 54 -21.27 -39.58 -3.28
N VAL C 55 -20.48 -40.25 -2.45
CA VAL C 55 -20.52 -40.07 -1.00
C VAL C 55 -19.13 -39.78 -0.43
N PRO C 56 -19.02 -38.76 0.42
CA PRO C 56 -17.74 -38.49 1.10
C PRO C 56 -17.32 -39.69 1.93
N GLN C 57 -16.02 -39.96 2.05
CA GLN C 57 -15.52 -41.11 2.80
C GLN C 57 -16.00 -41.10 4.26
N CYS C 58 -16.03 -39.93 4.88
CA CYS C 58 -16.46 -39.80 6.28
C CYS C 58 -17.88 -40.31 6.48
N LEU C 59 -18.71 -40.15 5.47
CA LEU C 59 -20.09 -40.65 5.55
C LEU C 59 -20.15 -42.10 5.10
N ALA C 60 -19.40 -42.42 4.04
CA ALA C 60 -19.38 -43.77 3.49
C ALA C 60 -18.95 -44.81 4.52
N ALA C 61 -18.05 -44.41 5.43
CA ALA C 61 -17.57 -45.31 6.49
C ALA C 61 -18.68 -45.72 7.49
N LYS C 62 -19.80 -44.99 7.50
CA LYS C 62 -20.84 -45.25 8.49
C LYS C 62 -22.10 -45.91 7.90
N ILE C 63 -22.04 -46.27 6.62
CA ILE C 63 -23.19 -46.85 5.95
C ILE C 63 -23.45 -48.29 6.33
N THR C 64 -24.69 -48.61 6.72
CA THR C 64 -25.04 -49.97 7.13
C THR C 64 -25.95 -50.69 6.13
N VAL C 65 -26.67 -49.94 5.29
CA VAL C 65 -27.52 -50.57 4.29
C VAL C 65 -26.67 -51.29 3.24
N PRO C 66 -27.25 -52.31 2.58
CA PRO C 66 -26.51 -53.03 1.54
C PRO C 66 -26.10 -52.08 0.43
N HIS C 67 -24.90 -52.27 -0.11
CA HIS C 67 -24.39 -51.42 -1.17
C HIS C 67 -23.18 -52.04 -1.83
N LYS C 68 -23.00 -51.72 -3.11
CA LYS C 68 -21.81 -52.11 -3.83
C LYS C 68 -20.96 -50.86 -4.09
N ILE C 69 -19.65 -51.00 -3.93
CA ILE C 69 -18.74 -49.91 -4.25
C ILE C 69 -18.33 -49.99 -5.71
N LEU C 70 -18.60 -48.93 -6.43
CA LEU C 70 -18.35 -48.84 -7.86
C LEU C 70 -16.98 -48.28 -8.19
N ALA C 71 -16.54 -47.36 -7.34
CA ALA C 71 -15.30 -46.63 -7.54
C ALA C 71 -15.00 -45.88 -6.27
N GLU C 72 -13.74 -45.51 -6.09
CA GLU C 72 -13.28 -44.92 -4.85
C GLU C 72 -11.97 -44.16 -5.06
N ASN C 73 -11.84 -43.03 -4.37
CA ASN C 73 -10.56 -42.35 -4.24
C ASN C 73 -10.40 -41.84 -2.80
N LYS C 74 -9.45 -40.95 -2.57
CA LYS C 74 -9.16 -40.44 -1.22
C LYS C 74 -10.37 -39.78 -0.54
N GLU C 75 -11.16 -39.05 -1.30
CA GLU C 75 -12.20 -38.22 -0.70
C GLU C 75 -13.58 -38.85 -0.82
N PHE C 76 -13.79 -39.68 -1.85
CA PHE C 76 -15.12 -40.18 -2.16
C PHE C 76 -15.23 -41.67 -2.40
N LYS C 77 -16.39 -42.23 -2.09
CA LYS C 77 -16.83 -43.49 -2.70
C LYS C 77 -18.03 -43.20 -3.60
N ILE C 78 -18.14 -43.93 -4.69
CA ILE C 78 -19.37 -43.96 -5.45
C ILE C 78 -20.00 -45.34 -5.27
N ILE C 79 -21.21 -45.36 -4.74
CA ILE C 79 -21.84 -46.63 -4.40
C ILE C 79 -23.13 -46.84 -5.16
N ASP C 80 -23.53 -48.09 -5.26
CA ASP C 80 -24.80 -48.43 -5.88
C ASP C 80 -25.72 -48.93 -4.78
N VAL C 81 -26.90 -48.31 -4.67
CA VAL C 81 -27.87 -48.70 -3.66
C VAL C 81 -29.26 -48.84 -4.27
N LEU C 82 -30.13 -49.55 -3.57
CA LEU C 82 -31.55 -49.56 -3.89
C LEU C 82 -32.16 -48.18 -3.70
N SER C 83 -32.98 -47.77 -4.66
CA SER C 83 -33.76 -46.54 -4.56
C SER C 83 -34.49 -46.43 -3.22
N SER C 84 -34.94 -47.56 -2.69
CA SER C 84 -35.71 -47.60 -1.45
C SER C 84 -34.85 -47.37 -0.20
N ASP C 85 -33.52 -47.38 -0.34
CA ASP C 85 -32.64 -47.15 0.80
C ASP C 85 -32.05 -45.74 0.82
N VAL C 86 -32.33 -44.97 -0.22
CA VAL C 86 -31.71 -43.66 -0.36
C VAL C 86 -32.08 -42.75 0.81
N GLU C 87 -33.35 -42.79 1.21
CA GLU C 87 -33.82 -41.92 2.27
C GLU C 87 -33.18 -42.23 3.63
N THR C 88 -32.90 -43.50 3.92
CA THR C 88 -32.23 -43.80 5.20
C THR C 88 -30.82 -43.22 5.16
N LEU C 89 -30.21 -43.17 3.97
CA LEU C 89 -28.89 -42.54 3.83
C LEU C 89 -28.93 -41.04 4.09
N THR C 90 -30.03 -40.38 3.70
CA THR C 90 -30.22 -38.96 3.97
C THR C 90 -30.27 -38.72 5.48
N ILE C 91 -31.02 -39.57 6.18
CA ILE C 91 -31.16 -39.47 7.63
C ILE C 91 -29.83 -39.72 8.34
N LEU C 92 -29.08 -40.70 7.85
CA LEU C 92 -27.74 -40.98 8.36
C LEU C 92 -26.82 -39.78 8.17
N ALA C 93 -26.84 -39.22 6.98
CA ALA C 93 -26.00 -38.07 6.66
C ALA C 93 -26.34 -36.91 7.59
N ASP C 94 -27.62 -36.74 7.93
CA ASP C 94 -28.03 -35.68 8.86
C ASP C 94 -27.39 -35.89 10.23
N LYS C 95 -27.29 -37.14 10.68
CA LYS C 95 -26.78 -37.40 12.02
C LYS C 95 -25.23 -37.48 12.06
N VAL C 96 -24.61 -37.94 10.97
CA VAL C 96 -23.14 -38.00 10.89
C VAL C 96 -22.59 -36.58 10.74
N SER C 97 -23.36 -35.72 10.06
CA SER C 97 -23.06 -34.30 9.89
C SER C 97 -21.62 -34.01 9.41
N CYS C 98 -21.22 -34.69 8.35
CA CYS C 98 -19.95 -34.39 7.69
C CYS C 98 -20.20 -34.10 6.21
N GLY C 99 -21.47 -33.93 5.86
CA GLY C 99 -21.84 -33.66 4.48
C GLY C 99 -22.88 -34.67 4.01
N HIS C 100 -23.49 -34.40 2.86
CA HIS C 100 -24.49 -35.30 2.28
C HIS C 100 -23.91 -36.01 1.07
N PHE C 101 -24.74 -36.28 0.06
CA PHE C 101 -24.26 -37.02 -1.11
C PHE C 101 -24.82 -36.41 -2.38
N VAL C 102 -24.24 -36.74 -3.52
CA VAL C 102 -24.75 -36.29 -4.81
C VAL C 102 -25.16 -37.51 -5.63
N ASN C 103 -26.37 -37.45 -6.18
CA ASN C 103 -26.90 -38.53 -7.00
C ASN C 103 -26.29 -38.47 -8.40
N VAL C 104 -25.47 -39.47 -8.75
CA VAL C 104 -24.79 -39.44 -10.04
C VAL C 104 -25.33 -40.48 -11.00
N SER C 105 -26.54 -40.99 -10.73
CA SER C 105 -27.17 -41.98 -11.58
C SER C 105 -27.22 -41.56 -13.05
N HIS C 106 -27.62 -40.32 -13.28
CA HIS C 106 -27.74 -39.82 -14.64
C HIS C 106 -26.38 -39.67 -15.33
N LYS C 107 -25.35 -39.31 -14.56
CA LYS C 107 -24.02 -39.13 -15.16
C LYS C 107 -23.43 -40.45 -15.59
N LEU C 108 -23.85 -41.52 -14.93
CA LEU C 108 -23.36 -42.86 -15.27
C LEU C 108 -24.21 -43.43 -16.40
N THR C 109 -24.47 -42.60 -17.39
CA THR C 109 -25.24 -42.99 -18.57
C THR C 109 -24.68 -42.21 -19.77
N GLY C 110 -23.69 -41.38 -19.49
CA GLY C 110 -23.06 -40.56 -20.52
C GLY C 110 -22.46 -41.32 -21.68
N THR C 111 -22.56 -40.73 -22.87
CA THR C 111 -22.13 -41.38 -24.10
C THR C 111 -20.61 -41.62 -24.10
N LEU C 112 -20.16 -42.53 -24.96
CA LEU C 112 -18.76 -42.94 -25.02
C LEU C 112 -18.26 -43.53 -23.69
N ALA C 113 -18.97 -44.54 -23.20
CA ALA C 113 -18.60 -45.27 -21.99
C ALA C 113 -18.96 -46.75 -22.16
N ALA C 114 -18.30 -47.64 -21.42
CA ALA C 114 -18.54 -49.06 -21.63
C ALA C 114 -19.63 -49.58 -20.68
N ASN C 115 -19.22 -49.92 -19.46
CA ASN C 115 -20.16 -50.32 -18.43
C ASN C 115 -20.39 -49.14 -17.48
N GLN C 116 -20.64 -49.43 -16.21
CA GLN C 116 -20.82 -48.40 -15.19
C GLN C 116 -19.64 -48.15 -14.25
N GLN C 117 -18.93 -49.20 -13.88
CA GLN C 117 -17.82 -49.05 -12.95
C GLN C 117 -16.70 -48.23 -13.59
N GLN C 118 -16.63 -48.29 -14.91
CA GLN C 118 -15.64 -47.52 -15.67
C GLN C 118 -16.04 -46.05 -15.73
N SER C 119 -17.34 -45.82 -15.86
CA SER C 119 -17.88 -44.47 -15.82
C SER C 119 -17.64 -43.84 -14.45
N ALA C 120 -17.86 -44.62 -13.40
CA ALA C 120 -17.70 -44.14 -12.03
C ALA C 120 -16.26 -43.70 -11.73
N GLN C 121 -15.27 -44.46 -12.21
CA GLN C 121 -13.87 -44.13 -11.99
C GLN C 121 -13.44 -42.89 -12.77
N LYS C 122 -14.02 -42.70 -13.95
CA LYS C 122 -13.76 -41.49 -14.70
C LYS C 122 -14.32 -40.27 -13.99
N LEU C 123 -15.43 -40.50 -13.30
CA LEU C 123 -16.09 -39.45 -12.51
C LEU C 123 -15.20 -38.97 -11.37
N LEU C 124 -14.55 -39.90 -10.68
CA LEU C 124 -13.71 -39.55 -9.53
C LEU C 124 -12.34 -39.09 -10.00
N GLN C 125 -12.22 -38.90 -11.30
CA GLN C 125 -11.01 -38.40 -11.93
C GLN C 125 -11.25 -36.92 -12.24
N LYS C 126 -11.21 -36.11 -11.20
CA LYS C 126 -11.50 -34.68 -11.32
C LYS C 126 -10.54 -33.98 -12.27
N LYS C 127 -9.30 -33.81 -11.81
CA LYS C 127 -8.25 -33.11 -12.55
C LYS C 127 -8.73 -31.77 -13.08
N LEU C 128 -8.74 -30.76 -12.21
CA LEU C 128 -9.18 -29.42 -12.56
C LEU C 128 -8.14 -28.73 -13.44
N VAL C 129 -6.87 -28.97 -13.11
CA VAL C 129 -5.75 -28.48 -13.89
C VAL C 129 -5.87 -26.98 -14.17
N LYS C 130 -5.90 -26.19 -13.10
CA LYS C 130 -6.15 -24.74 -13.17
C LYS C 130 -4.94 -23.85 -12.82
N PRO C 131 -4.33 -23.19 -13.84
CA PRO C 131 -3.25 -22.21 -13.76
C PRO C 131 -3.44 -21.18 -12.65
N PHE C 132 -2.35 -20.51 -12.28
CA PHE C 132 -2.41 -19.35 -11.43
C PHE C 132 -2.41 -18.15 -12.39
N GLY C 133 -3.47 -17.35 -12.42
CA GLY C 133 -3.45 -16.28 -13.39
C GLY C 133 -3.38 -14.82 -12.97
N VAL C 134 -3.94 -13.96 -13.80
CA VAL C 134 -3.91 -12.52 -13.55
C VAL C 134 -5.32 -11.97 -13.33
N SER C 135 -5.58 -11.44 -12.14
CA SER C 135 -6.89 -10.88 -11.84
C SER C 135 -7.16 -9.64 -12.71
N LYS C 136 -8.40 -9.52 -13.17
CA LYS C 136 -8.86 -8.34 -13.92
C LYS C 136 -9.30 -7.27 -12.92
N LEU C 137 -8.96 -6.01 -13.20
CA LEU C 137 -9.08 -4.97 -12.18
C LEU C 137 -10.11 -3.87 -12.46
N HIS C 138 -10.68 -3.85 -13.65
CA HIS C 138 -11.71 -2.85 -13.92
C HIS C 138 -13.00 -3.56 -14.25
N LYS C 139 -12.91 -4.88 -14.38
CA LYS C 139 -14.10 -5.69 -14.53
C LYS C 139 -14.75 -5.65 -13.13
N ASP C 140 -15.80 -4.86 -12.91
CA ASP C 140 -16.44 -5.05 -11.61
C ASP C 140 -17.83 -5.48 -11.97
N VAL C 141 -18.10 -6.67 -11.50
CA VAL C 141 -19.19 -7.48 -11.94
C VAL C 141 -20.40 -7.13 -11.09
N TYR C 142 -20.13 -6.87 -9.81
CA TYR C 142 -21.21 -6.67 -8.88
C TYR C 142 -21.10 -5.36 -8.09
N GLU C 143 -21.98 -4.42 -8.40
CA GLU C 143 -22.05 -3.15 -7.68
C GLU C 143 -23.48 -2.79 -7.33
N ILE C 144 -23.63 -1.84 -6.43
CA ILE C 144 -24.94 -1.36 -6.03
C ILE C 144 -25.21 -0.03 -6.72
N LYS C 145 -26.11 -0.04 -7.70
CA LYS C 145 -26.31 1.13 -8.56
C LYS C 145 -27.77 1.48 -8.80
N HIS C 146 -28.69 0.81 -8.12
CA HIS C 146 -30.11 1.03 -8.41
C HIS C 146 -30.93 1.17 -7.14
N GLU C 147 -30.42 2.00 -6.22
CA GLU C 147 -30.98 2.15 -4.89
C GLU C 147 -32.45 2.55 -4.89
N GLU C 148 -32.80 3.54 -5.69
CA GLU C 148 -34.18 4.04 -5.65
C GLU C 148 -35.14 2.95 -6.12
N GLU C 149 -34.78 2.31 -7.22
CA GLU C 149 -35.61 1.26 -7.80
C GLU C 149 -35.77 0.07 -6.88
N VAL C 150 -34.67 -0.38 -6.28
CA VAL C 150 -34.72 -1.51 -5.36
C VAL C 150 -35.57 -1.13 -4.16
N ASN C 151 -35.34 0.06 -3.62
CA ASN C 151 -36.09 0.50 -2.45
C ASN C 151 -37.59 0.54 -2.71
N ALA C 152 -37.99 1.03 -3.88
CA ALA C 152 -39.40 1.03 -4.25
C ALA C 152 -39.94 -0.41 -4.34
N ALA C 153 -39.15 -1.32 -4.90
CA ALA C 153 -39.59 -2.69 -5.08
C ALA C 153 -39.73 -3.40 -3.73
N LEU C 154 -38.80 -3.14 -2.82
CA LEU C 154 -38.82 -3.78 -1.50
C LEU C 154 -40.09 -3.40 -0.74
N LYS C 155 -40.57 -2.17 -0.94
CA LYS C 155 -41.81 -1.72 -0.31
C LYS C 155 -43.06 -2.47 -0.85
N GLU C 156 -42.92 -3.13 -1.99
CA GLU C 156 -44.06 -3.80 -2.64
C GLU C 156 -44.28 -5.25 -2.17
N ILE C 157 -43.32 -5.78 -1.43
CA ILE C 157 -43.39 -7.15 -0.94
C ILE C 157 -44.50 -7.28 0.10
N VAL C 158 -45.34 -8.31 -0.05
CA VAL C 158 -46.46 -8.55 0.87
C VAL C 158 -46.20 -9.83 1.65
N SER C 159 -45.87 -9.70 2.92
CA SER C 159 -45.51 -10.86 3.74
C SER C 159 -46.63 -11.91 3.79
N ASP C 160 -47.89 -11.48 3.83
CA ASP C 160 -49.01 -12.43 3.86
C ASP C 160 -49.04 -13.32 2.62
N ASN C 161 -48.52 -12.84 1.48
CA ASN C 161 -48.46 -13.69 0.29
C ASN C 161 -47.54 -14.89 0.54
N ILE C 162 -46.41 -14.63 1.18
CA ILE C 162 -45.46 -15.68 1.50
C ILE C 162 -46.12 -16.69 2.42
N TRP C 163 -46.82 -16.20 3.45
CA TRP C 163 -47.48 -17.07 4.41
C TRP C 163 -48.57 -17.94 3.75
N GLN C 164 -49.36 -17.35 2.85
CA GLN C 164 -50.41 -18.14 2.21
C GLN C 164 -49.82 -19.17 1.25
N THR C 165 -48.77 -18.80 0.51
CA THR C 165 -48.09 -19.76 -0.35
C THR C 165 -47.56 -20.94 0.46
N LEU C 166 -46.94 -20.62 1.59
CA LEU C 166 -46.36 -21.63 2.46
C LEU C 166 -47.45 -22.53 3.01
N THR C 167 -48.59 -21.94 3.34
CA THR C 167 -49.77 -22.68 3.82
C THR C 167 -50.21 -23.71 2.78
N HIS C 168 -50.26 -23.30 1.53
CA HIS C 168 -50.67 -24.23 0.48
C HIS C 168 -49.64 -25.36 0.32
N MET C 169 -48.36 -25.02 0.31
CA MET C 169 -47.35 -26.05 0.07
C MET C 169 -47.27 -27.09 1.16
N THR C 170 -47.37 -26.65 2.42
CA THR C 170 -47.23 -27.57 3.54
C THR C 170 -48.52 -28.38 3.76
N SER C 171 -49.59 -28.05 3.06
CA SER C 171 -50.84 -28.80 3.17
CA SER C 171 -50.83 -28.82 3.18
C SER C 171 -50.82 -30.04 2.25
N TYR C 172 -49.82 -30.15 1.38
CA TYR C 172 -49.64 -31.44 0.68
C TYR C 172 -49.13 -32.43 1.70
N TYR C 173 -49.58 -33.68 1.60
CA TYR C 173 -49.11 -34.73 2.49
C TYR C 173 -47.60 -34.79 2.50
N ASN C 174 -47.03 -34.78 1.29
CA ASN C 174 -45.61 -34.52 1.11
C ASN C 174 -45.43 -33.99 -0.30
N ARG C 175 -44.20 -33.62 -0.64
CA ARG C 175 -43.91 -33.18 -2.01
C ARG C 175 -42.73 -33.99 -2.58
N SER C 176 -42.75 -35.29 -2.27
CA SER C 176 -41.66 -36.19 -2.66
C SER C 176 -41.61 -36.38 -4.18
N ALA C 177 -40.41 -36.45 -4.74
CA ALA C 177 -40.24 -36.53 -6.19
C ALA C 177 -40.71 -37.85 -6.78
N THR C 178 -40.90 -38.86 -5.94
CA THR C 178 -41.39 -40.15 -6.47
C THR C 178 -42.91 -40.32 -6.30
N LYS C 179 -43.59 -39.30 -5.77
CA LYS C 179 -45.00 -39.45 -5.44
C LYS C 179 -45.88 -38.49 -6.23
N ASP C 180 -47.14 -38.85 -6.41
CA ASP C 180 -48.11 -37.98 -7.12
C ASP C 180 -48.27 -36.62 -6.46
N THR C 181 -48.21 -36.56 -5.13
CA THR C 181 -48.29 -35.26 -4.47
C THR C 181 -47.10 -34.38 -4.86
N GLY C 182 -45.95 -34.99 -5.16
CA GLY C 182 -44.82 -34.25 -5.68
C GLY C 182 -45.09 -33.63 -7.05
N VAL C 183 -45.79 -34.37 -7.90
CA VAL C 183 -46.20 -33.86 -9.22
C VAL C 183 -47.26 -32.75 -9.11
N ASP C 184 -48.23 -32.93 -8.22
CA ASP C 184 -49.24 -31.90 -7.95
C ASP C 184 -48.58 -30.58 -7.56
N THR C 185 -47.54 -30.67 -6.74
CA THR C 185 -46.78 -29.50 -6.34
C THR C 185 -46.22 -28.74 -7.55
N ALA C 186 -45.56 -29.48 -8.45
CA ALA C 186 -44.96 -28.85 -9.63
C ALA C 186 -46.00 -28.17 -10.51
N ASN C 187 -47.11 -28.86 -10.76
CA ASN C 187 -48.21 -28.30 -11.55
C ASN C 187 -48.79 -27.05 -10.92
N TRP C 188 -48.93 -27.05 -9.60
CA TRP C 188 -49.48 -25.90 -8.90
C TRP C 188 -48.55 -24.69 -8.97
N LEU C 189 -47.26 -24.91 -8.76
CA LEU C 189 -46.28 -23.83 -8.86
C LEU C 189 -46.29 -23.24 -10.27
N LYS C 190 -46.35 -24.10 -11.28
CA LYS C 190 -46.30 -23.61 -12.66
C LYS C 190 -47.53 -22.75 -12.98
N SER C 191 -48.70 -23.22 -12.58
CA SER C 191 -49.92 -22.48 -12.83
C SER C 191 -49.97 -21.19 -11.98
N LYS C 192 -49.40 -21.22 -10.78
CA LYS C 192 -49.36 -19.96 -10.01
C LYS C 192 -48.51 -18.89 -10.70
N PHE C 193 -47.33 -19.28 -11.19
CA PHE C 193 -46.49 -18.32 -11.89
C PHE C 193 -47.22 -17.75 -13.11
N GLU C 194 -47.87 -18.61 -13.87
CA GLU C 194 -48.51 -18.20 -15.11
C GLU C 194 -49.66 -17.24 -14.86
N GLN C 195 -50.43 -17.49 -13.79
CA GLN C 195 -51.51 -16.60 -13.37
C GLN C 195 -50.99 -15.21 -12.98
N MET C 196 -49.90 -15.19 -12.23
CA MET C 196 -49.35 -13.92 -11.82
C MET C 196 -48.87 -13.12 -13.04
N ALA C 197 -48.29 -13.79 -14.03
CA ALA C 197 -47.83 -13.10 -15.24
C ALA C 197 -49.01 -12.41 -15.94
N VAL C 198 -50.12 -13.12 -16.05
CA VAL C 198 -51.35 -12.58 -16.62
C VAL C 198 -51.86 -11.41 -15.76
N GLU C 199 -51.82 -11.56 -14.43
CA GLU C 199 -52.29 -10.53 -13.52
C GLU C 199 -51.63 -9.17 -13.74
N TYR C 200 -50.35 -9.18 -14.13
CA TYR C 200 -49.61 -7.93 -14.39
C TYR C 200 -49.46 -7.65 -15.89
N GLY C 201 -50.18 -8.42 -16.71
CA GLY C 201 -50.20 -8.22 -18.15
C GLY C 201 -48.87 -8.39 -18.87
N ARG C 202 -48.05 -9.34 -18.41
CA ARG C 202 -46.74 -9.63 -19.01
C ARG C 202 -46.82 -10.53 -20.23
N THR C 203 -46.27 -10.07 -21.34
CA THR C 203 -46.24 -10.90 -22.55
C THR C 203 -44.84 -11.47 -22.76
N ASP C 204 -43.89 -11.13 -21.89
CA ASP C 204 -42.51 -11.56 -22.10
C ASP C 204 -42.05 -12.68 -21.16
N THR C 205 -42.99 -13.47 -20.65
CA THR C 205 -42.62 -14.55 -19.75
C THR C 205 -42.83 -15.88 -20.42
N SER C 206 -42.22 -16.92 -19.85
CA SER C 206 -42.43 -18.26 -20.35
C SER C 206 -42.15 -19.23 -19.19
N THR C 207 -42.72 -20.43 -19.29
CA THR C 207 -42.53 -21.46 -18.28
C THR C 207 -42.34 -22.80 -18.99
N PHE C 208 -41.54 -23.69 -18.40
CA PHE C 208 -41.48 -25.05 -18.89
C PHE C 208 -40.98 -26.00 -17.81
N PHE C 209 -41.28 -27.28 -18.01
CA PHE C 209 -40.82 -28.34 -17.14
C PHE C 209 -39.50 -28.91 -17.66
N VAL C 210 -38.59 -29.24 -16.75
CA VAL C 210 -37.43 -30.05 -17.11
C VAL C 210 -37.59 -31.40 -16.42
N LYS C 211 -37.59 -32.48 -17.20
CA LYS C 211 -37.81 -33.82 -16.67
C LYS C 211 -36.69 -34.29 -15.74
N THR C 212 -37.00 -35.26 -14.89
CA THR C 212 -36.13 -35.68 -13.79
C THR C 212 -35.86 -37.18 -13.88
N GLY C 213 -35.58 -37.66 -15.09
CA GLY C 213 -35.34 -39.07 -15.34
C GLY C 213 -36.57 -39.91 -14.99
N TRP C 214 -36.38 -40.92 -14.15
CA TRP C 214 -37.49 -41.81 -13.80
C TRP C 214 -38.32 -41.21 -12.65
N TYR C 215 -37.86 -40.09 -12.08
CA TYR C 215 -38.65 -39.38 -11.07
C TYR C 215 -39.87 -38.71 -11.70
N LYS C 216 -41.03 -38.95 -11.11
CA LYS C 216 -42.30 -38.34 -11.54
C LYS C 216 -42.26 -36.81 -11.55
N GLN C 217 -41.69 -36.23 -10.50
CA GLN C 217 -41.75 -34.78 -10.32
C GLN C 217 -40.75 -34.04 -11.21
N PRO C 218 -41.24 -33.16 -12.09
CA PRO C 218 -40.32 -32.38 -12.92
C PRO C 218 -39.82 -31.11 -12.20
N SER C 219 -38.69 -30.55 -12.63
CA SER C 219 -38.30 -29.20 -12.17
C SER C 219 -39.05 -28.14 -12.95
N LEU C 220 -39.38 -27.03 -12.29
CA LEU C 220 -40.08 -25.93 -12.95
C LEU C 220 -39.14 -24.78 -13.25
N VAL C 221 -39.03 -24.42 -14.54
CA VAL C 221 -38.25 -23.27 -14.94
C VAL C 221 -39.19 -22.20 -15.47
N THR C 222 -39.08 -20.99 -14.92
CA THR C 222 -39.85 -19.84 -15.39
C THR C 222 -38.89 -18.73 -15.75
N VAL C 223 -39.28 -17.89 -16.71
CA VAL C 223 -38.38 -16.81 -17.13
C VAL C 223 -39.17 -15.52 -17.38
N ILE C 224 -38.58 -14.40 -16.96
CA ILE C 224 -39.09 -13.06 -17.24
C ILE C 224 -38.12 -12.34 -18.18
N GLY C 225 -38.57 -12.01 -19.38
CA GLY C 225 -37.71 -11.42 -20.41
C GLY C 225 -37.21 -12.54 -21.29
N LYS C 226 -38.13 -13.33 -21.83
CA LYS C 226 -37.80 -14.58 -22.49
C LYS C 226 -36.98 -14.38 -23.77
N ASP C 227 -37.03 -13.18 -24.34
CA ASP C 227 -36.33 -12.94 -25.61
C ASP C 227 -35.08 -12.09 -25.45
N ILE C 228 -34.73 -11.76 -24.20
CA ILE C 228 -33.54 -10.96 -23.97
C ILE C 228 -32.31 -11.84 -24.12
N LYS C 229 -31.41 -11.45 -25.02
CA LYS C 229 -30.23 -12.25 -25.32
C LYS C 229 -29.02 -11.73 -24.55
N ALA C 230 -28.84 -12.23 -23.33
CA ALA C 230 -27.75 -11.84 -22.46
C ALA C 230 -27.62 -12.88 -21.36
N PRO C 231 -26.41 -13.03 -20.76
CA PRO C 231 -26.26 -13.98 -19.65
C PRO C 231 -27.27 -13.72 -18.53
N ALA C 232 -27.95 -14.78 -18.10
CA ALA C 232 -29.10 -14.67 -17.25
C ALA C 232 -28.80 -14.59 -15.75
N ILE C 233 -29.77 -14.09 -15.02
CA ILE C 233 -29.79 -14.15 -13.56
C ILE C 233 -30.74 -15.29 -13.12
N VAL C 234 -30.29 -16.16 -12.22
CA VAL C 234 -31.11 -17.29 -11.79
C VAL C 234 -31.40 -17.25 -10.30
N ILE C 235 -32.68 -17.36 -9.95
CA ILE C 235 -33.09 -17.44 -8.56
C ILE C 235 -33.83 -18.75 -8.34
N GLY C 236 -33.35 -19.54 -7.39
CA GLY C 236 -33.83 -20.89 -7.21
C GLY C 236 -34.19 -21.31 -5.79
N ALA C 237 -34.97 -22.39 -5.71
CA ALA C 237 -35.34 -23.06 -4.48
C ALA C 237 -35.78 -24.45 -4.87
N HIS C 238 -35.89 -25.37 -3.93
CA HIS C 238 -36.39 -26.68 -4.32
C HIS C 238 -37.76 -26.95 -3.69
N MET C 239 -38.60 -27.66 -4.44
CA MET C 239 -40.01 -27.84 -4.09
C MET C 239 -40.30 -29.13 -3.32
N ASP C 240 -39.34 -30.06 -3.24
CA ASP C 240 -39.63 -31.41 -2.75
C ASP C 240 -39.36 -31.62 -1.25
N THR C 241 -39.81 -32.78 -0.76
CA THR C 241 -39.60 -33.23 0.61
C THR C 241 -39.24 -34.71 0.58
N LEU C 242 -39.00 -35.28 1.76
CA LEU C 242 -38.94 -36.74 1.90
C LEU C 242 -40.33 -37.39 1.79
N ASP C 243 -40.37 -38.72 1.78
CA ASP C 243 -41.62 -39.49 1.81
C ASP C 243 -42.27 -39.44 3.19
N GLY C 244 -43.46 -40.02 3.31
CA GLY C 244 -44.18 -39.97 4.57
C GLY C 244 -44.88 -38.63 4.71
N ARG C 245 -45.42 -38.37 5.89
CA ARG C 245 -46.05 -37.10 6.15
C ARG C 245 -44.94 -36.07 6.41
N MET C 246 -44.74 -35.17 5.43
CA MET C 246 -43.64 -34.22 5.45
C MET C 246 -44.09 -32.82 5.05
N PRO C 247 -44.48 -32.01 6.04
CA PRO C 247 -44.92 -30.62 5.79
C PRO C 247 -43.82 -29.80 5.11
N GLY C 248 -42.55 -30.11 5.38
CA GLY C 248 -41.44 -29.44 4.72
C GLY C 248 -41.55 -27.91 4.76
N ALA C 249 -41.93 -27.36 5.91
CA ALA C 249 -42.16 -25.91 6.03
C ALA C 249 -40.86 -25.10 5.90
N GLY C 250 -39.90 -25.38 6.78
CA GLY C 250 -38.62 -24.71 6.72
C GLY C 250 -37.85 -25.17 5.50
N ASP C 251 -37.87 -26.48 5.28
CA ASP C 251 -37.09 -27.10 4.23
C ASP C 251 -37.94 -27.87 3.21
N ASP C 252 -38.24 -27.28 2.04
CA ASP C 252 -37.87 -25.91 1.67
C ASP C 252 -39.12 -25.17 1.17
N GLY C 253 -40.22 -25.33 1.88
CA GLY C 253 -41.42 -24.52 1.63
C GLY C 253 -41.07 -23.04 1.80
N SER C 254 -40.26 -22.73 2.79
CA SER C 254 -39.94 -21.34 3.10
C SER C 254 -39.20 -20.67 1.92
N GLY C 255 -38.16 -21.32 1.40
CA GLY C 255 -37.45 -20.79 0.24
C GLY C 255 -38.34 -20.67 -1.01
N SER C 256 -39.10 -21.72 -1.29
CA SER C 256 -40.04 -21.72 -2.41
C SER C 256 -41.03 -20.58 -2.35
N SER C 257 -41.54 -20.31 -1.13
CA SER C 257 -42.51 -19.24 -0.95
C SER C 257 -41.86 -17.84 -1.01
N SER C 258 -40.68 -17.70 -0.41
CA SER C 258 -39.92 -16.45 -0.49
C SER C 258 -39.64 -16.06 -1.95
N ILE C 259 -39.21 -17.00 -2.78
CA ILE C 259 -38.89 -16.60 -4.14
C ILE C 259 -40.16 -16.46 -4.98
N MET C 260 -41.26 -17.13 -4.61
CA MET C 260 -42.51 -16.91 -5.36
C MET C 260 -42.95 -15.45 -5.18
N GLU C 261 -42.79 -14.90 -3.98
CA GLU C 261 -43.19 -13.52 -3.77
C GLU C 261 -42.20 -12.55 -4.45
N ALA C 262 -40.92 -12.91 -4.49
CA ALA C 262 -39.94 -12.14 -5.25
C ALA C 262 -40.30 -12.10 -6.73
N ALA C 263 -40.72 -13.24 -7.29
CA ALA C 263 -41.17 -13.29 -8.70
C ALA C 263 -42.38 -12.37 -8.93
N ARG C 264 -43.34 -12.37 -8.01
CA ARG C 264 -44.49 -11.47 -8.13
C ARG C 264 -44.04 -10.00 -8.23
N VAL C 265 -43.10 -9.60 -7.38
CA VAL C 265 -42.62 -8.22 -7.41
C VAL C 265 -41.90 -7.89 -8.73
N ILE C 266 -41.07 -8.81 -9.22
CA ILE C 266 -40.45 -8.59 -10.53
C ILE C 266 -41.53 -8.55 -11.65
N LEU C 267 -42.53 -9.43 -11.59
CA LEU C 267 -43.57 -9.44 -12.63
C LEU C 267 -44.34 -8.12 -12.66
N SER C 268 -44.52 -7.49 -11.51
CA SER C 268 -45.26 -6.22 -11.43
C SER C 268 -44.41 -5.00 -11.81
N SER C 269 -43.12 -5.21 -12.02
CA SER C 269 -42.23 -4.12 -12.36
C SER C 269 -42.50 -3.59 -13.76
N LYS C 270 -42.32 -2.30 -13.96
CA LYS C 270 -42.45 -1.73 -15.29
C LYS C 270 -41.09 -1.56 -15.95
N THR C 271 -40.04 -1.97 -15.25
CA THR C 271 -38.70 -1.92 -15.82
C THR C 271 -38.51 -3.02 -16.87
N THR C 272 -37.93 -2.65 -18.00
CA THR C 272 -37.37 -3.62 -18.92
C THR C 272 -35.90 -3.82 -18.52
N PHE C 273 -35.55 -5.03 -18.12
CA PHE C 273 -34.19 -5.29 -17.68
C PHE C 273 -33.29 -5.63 -18.88
N LYS C 274 -31.99 -5.69 -18.64
CA LYS C 274 -31.02 -6.00 -19.69
C LYS C 274 -30.66 -7.49 -19.72
N ARG C 275 -31.13 -8.22 -18.71
CA ARG C 275 -30.93 -9.67 -18.67
C ARG C 275 -32.26 -10.39 -18.45
N PRO C 276 -32.38 -11.62 -18.98
CA PRO C 276 -33.52 -12.46 -18.60
C PRO C 276 -33.35 -12.90 -17.14
N ILE C 277 -34.45 -13.01 -16.41
CA ILE C 277 -34.42 -13.44 -15.02
C ILE C 277 -35.20 -14.75 -14.90
N TYR C 278 -34.52 -15.79 -14.44
CA TYR C 278 -35.16 -17.09 -14.21
C TYR C 278 -35.51 -17.28 -12.74
N PHE C 279 -36.71 -17.77 -12.49
CA PHE C 279 -37.09 -18.31 -11.20
C PHE C 279 -37.32 -19.81 -11.36
N ILE C 280 -36.60 -20.60 -10.57
CA ILE C 280 -36.60 -22.04 -10.75
C ILE C 280 -36.92 -22.77 -9.45
N TRP C 281 -37.85 -23.70 -9.50
CA TRP C 281 -38.14 -24.58 -8.40
C TRP C 281 -37.70 -25.98 -8.80
N TYR C 282 -36.62 -26.45 -8.19
CA TYR C 282 -36.01 -27.71 -8.57
C TYR C 282 -36.77 -28.89 -7.97
N ALA C 283 -36.87 -29.96 -8.74
CA ALA C 283 -37.37 -31.24 -8.27
C ALA C 283 -36.28 -32.02 -7.53
N ALA C 284 -36.69 -32.94 -6.66
CA ALA C 284 -35.80 -34.01 -6.19
C ALA C 284 -34.46 -33.58 -5.57
N GLU C 285 -34.41 -32.43 -4.90
CA GLU C 285 -33.18 -32.03 -4.24
C GLU C 285 -32.81 -33.02 -3.12
N GLU C 286 -33.84 -33.57 -2.45
CA GLU C 286 -33.64 -34.48 -1.31
C GLU C 286 -33.11 -35.83 -1.74
N ARG C 287 -33.12 -36.08 -3.05
CA ARG C 287 -32.62 -37.34 -3.59
C ARG C 287 -31.14 -37.22 -4.01
N GLY C 288 -30.52 -36.09 -3.67
CA GLY C 288 -29.13 -35.86 -4.03
C GLY C 288 -28.97 -34.88 -5.19
N LEU C 289 -29.72 -33.78 -5.13
CA LEU C 289 -29.63 -32.69 -6.11
C LEU C 289 -29.96 -33.16 -7.52
N VAL C 290 -30.92 -34.09 -7.66
CA VAL C 290 -31.20 -34.66 -8.97
C VAL C 290 -31.79 -33.63 -9.94
N GLY C 291 -32.79 -32.87 -9.47
CA GLY C 291 -33.44 -31.88 -10.30
C GLY C 291 -32.53 -30.74 -10.74
N SER C 292 -31.73 -30.18 -9.84
CA SER C 292 -30.86 -29.09 -10.26
C SER C 292 -29.79 -29.60 -11.23
N GLN C 293 -29.34 -30.84 -11.09
CA GLN C 293 -28.40 -31.39 -12.08
C GLN C 293 -29.04 -31.48 -13.47
N HIS C 294 -30.29 -31.91 -13.54
CA HIS C 294 -30.98 -31.90 -14.83
C HIS C 294 -31.18 -30.48 -15.39
N VAL C 295 -31.49 -29.52 -14.54
CA VAL C 295 -31.70 -28.15 -14.99
C VAL C 295 -30.40 -27.58 -15.55
N VAL C 296 -29.31 -27.78 -14.81
CA VAL C 296 -28.01 -27.25 -15.25
C VAL C 296 -27.62 -27.85 -16.58
N GLN C 297 -27.84 -29.15 -16.72
CA GLN C 297 -27.57 -29.87 -17.96
C GLN C 297 -28.41 -29.32 -19.12
N HIS C 298 -29.68 -29.02 -18.85
CA HIS C 298 -30.55 -28.38 -19.84
C HIS C 298 -30.01 -27.03 -20.30
N PHE C 299 -29.56 -26.20 -19.36
CA PHE C 299 -28.98 -24.90 -19.70
C PHE C 299 -27.73 -25.06 -20.55
N GLN C 300 -26.90 -26.04 -20.23
CA GLN C 300 -25.70 -26.30 -21.02
C GLN C 300 -26.03 -26.85 -22.41
N GLU C 301 -26.95 -27.79 -22.48
CA GLU C 301 -27.34 -28.37 -23.76
C GLU C 301 -27.95 -27.33 -24.70
N GLN C 302 -28.69 -26.37 -24.15
CA GLN C 302 -29.33 -25.35 -24.97
C GLN C 302 -28.49 -24.07 -25.11
N SER C 303 -27.26 -24.13 -24.60
CA SER C 303 -26.34 -22.99 -24.61
C SER C 303 -27.00 -21.71 -24.07
N ILE C 304 -27.63 -21.79 -22.91
CA ILE C 304 -28.17 -20.60 -22.26
C ILE C 304 -27.14 -20.07 -21.28
N PRO C 305 -26.53 -18.91 -21.61
CA PRO C 305 -25.48 -18.35 -20.74
C PRO C 305 -26.06 -17.83 -19.43
N VAL C 306 -25.34 -18.06 -18.35
CA VAL C 306 -25.81 -17.67 -17.02
C VAL C 306 -24.75 -16.81 -16.34
N LYS C 307 -25.15 -15.63 -15.88
CA LYS C 307 -24.22 -14.72 -15.21
C LYS C 307 -24.07 -15.06 -13.73
N ALA C 308 -25.19 -15.29 -13.05
CA ALA C 308 -25.16 -15.48 -11.59
C ALA C 308 -26.38 -16.25 -11.10
N VAL C 309 -26.17 -17.08 -10.08
CA VAL C 309 -27.20 -17.93 -9.50
C VAL C 309 -27.24 -17.76 -7.99
N VAL C 310 -28.44 -17.65 -7.42
CA VAL C 310 -28.60 -17.68 -5.98
C VAL C 310 -29.62 -18.77 -5.62
N GLN C 311 -29.35 -19.46 -4.52
CA GLN C 311 -30.18 -20.55 -4.02
C GLN C 311 -30.83 -20.18 -2.69
N PHE C 312 -32.13 -20.35 -2.59
CA PHE C 312 -32.82 -20.13 -1.34
C PHE C 312 -33.31 -21.47 -0.80
N ASP C 313 -32.62 -21.96 0.23
CA ASP C 313 -32.96 -23.23 0.83
C ASP C 313 -32.98 -23.00 2.33
N MET C 314 -34.20 -22.82 2.85
CA MET C 314 -34.51 -22.58 4.27
C MET C 314 -34.31 -21.10 4.59
N THR C 315 -35.43 -20.39 4.72
CA THR C 315 -35.42 -18.93 4.88
C THR C 315 -36.24 -18.48 6.11
N GLY C 316 -36.72 -19.44 6.89
CA GLY C 316 -37.73 -19.09 7.89
C GLY C 316 -37.43 -19.29 9.37
N TYR C 317 -36.43 -20.11 9.67
CA TYR C 317 -36.14 -20.45 11.06
C TYR C 317 -35.09 -19.52 11.66
N ARG C 318 -35.44 -18.84 12.75
CA ARG C 318 -34.48 -18.08 13.51
C ARG C 318 -34.11 -18.88 14.75
N ASN C 319 -32.82 -19.03 15.00
CA ASN C 319 -32.35 -19.71 16.20
C ASN C 319 -32.73 -18.88 17.41
N ASP C 320 -32.66 -17.56 17.25
CA ASP C 320 -33.11 -16.61 18.27
C ASP C 320 -34.05 -15.61 17.61
N ALA C 321 -35.29 -15.58 18.07
CA ALA C 321 -36.35 -14.84 17.38
C ALA C 321 -36.03 -13.36 17.20
N ASN C 322 -35.22 -12.81 18.11
CA ASN C 322 -34.87 -11.39 18.05
C ASN C 322 -33.54 -11.13 17.36
N ASP C 323 -32.88 -12.18 16.88
CA ASP C 323 -31.62 -12.05 16.15
C ASP C 323 -31.90 -12.26 14.67
N PRO C 324 -31.84 -11.19 13.88
CA PRO C 324 -32.22 -11.31 12.47
C PRO C 324 -31.05 -11.65 11.54
N THR C 325 -29.92 -12.12 12.09
CA THR C 325 -28.73 -12.44 11.30
C THR C 325 -29.06 -13.38 10.13
N MET C 326 -28.55 -13.03 8.95
CA MET C 326 -28.64 -13.87 7.77
C MET C 326 -27.26 -14.48 7.49
N TRP C 327 -27.22 -15.73 7.04
CA TRP C 327 -25.95 -16.46 6.93
C TRP C 327 -25.53 -16.68 5.49
N VAL C 328 -24.26 -16.43 5.20
CA VAL C 328 -23.73 -16.66 3.86
C VAL C 328 -22.84 -17.89 3.89
N PHE C 329 -23.15 -18.87 3.04
CA PHE C 329 -22.38 -20.12 3.07
C PHE C 329 -21.24 -20.08 2.09
N THR C 330 -20.09 -20.57 2.53
CA THR C 330 -18.83 -20.28 1.87
C THR C 330 -18.18 -21.47 1.19
N ASP C 331 -18.77 -22.66 1.30
CA ASP C 331 -18.24 -23.80 0.54
C ASP C 331 -19.14 -24.11 -0.65
N TYR C 332 -18.53 -24.50 -1.76
CA TYR C 332 -19.22 -24.79 -3.02
C TYR C 332 -20.01 -23.56 -3.52
N THR C 333 -19.48 -22.37 -3.24
CA THR C 333 -20.08 -21.11 -3.71
C THR C 333 -18.99 -20.19 -4.26
N ASP C 334 -19.41 -19.23 -5.07
CA ASP C 334 -18.51 -18.25 -5.66
C ASP C 334 -18.20 -17.15 -4.64
N ARG C 335 -16.91 -16.86 -4.46
CA ARG C 335 -16.45 -15.87 -3.49
C ARG C 335 -16.95 -14.44 -3.74
N ASP C 336 -16.78 -13.94 -4.98
CA ASP C 336 -17.22 -12.59 -5.31
C ASP C 336 -18.75 -12.43 -5.22
N LEU C 337 -19.49 -13.42 -5.69
CA LEU C 337 -20.93 -13.35 -5.62
C LEU C 337 -21.41 -13.42 -4.16
N SER C 338 -20.72 -14.21 -3.35
CA SER C 338 -21.09 -14.30 -1.93
C SER C 338 -20.81 -12.96 -1.24
N ASN C 339 -19.66 -12.35 -1.54
CA ASN C 339 -19.32 -11.04 -0.97
C ASN C 339 -20.40 -10.03 -1.37
N TYR C 340 -20.88 -10.13 -2.60
CA TYR C 340 -21.94 -9.24 -3.09
C TYR C 340 -23.23 -9.45 -2.32
N LEU C 341 -23.56 -10.71 -2.07
CA LEU C 341 -24.75 -11.01 -1.27
C LEU C 341 -24.65 -10.34 0.08
N ALA C 342 -23.49 -10.46 0.70
CA ALA C 342 -23.25 -9.81 1.99
C ALA C 342 -23.47 -8.29 1.92
N LYS C 343 -23.01 -7.64 0.85
CA LYS C 343 -23.21 -6.19 0.70
C LYS C 343 -24.69 -5.87 0.51
N LEU C 344 -25.37 -6.70 -0.28
CA LEU C 344 -26.79 -6.47 -0.52
C LEU C 344 -27.56 -6.54 0.79
N ILE C 345 -27.20 -7.54 1.60
CA ILE C 345 -27.86 -7.70 2.88
C ILE C 345 -27.63 -6.49 3.77
N ASP C 346 -26.37 -6.08 3.89
CA ASP C 346 -26.07 -4.91 4.69
C ASP C 346 -26.75 -3.65 4.17
N HIS C 347 -26.64 -3.42 2.87
CA HIS C 347 -27.11 -2.18 2.29
C HIS C 347 -28.64 -2.04 2.24
N TYR C 348 -29.34 -3.13 1.91
CA TYR C 348 -30.78 -3.05 1.70
C TYR C 348 -31.63 -3.65 2.83
N ILE C 349 -31.05 -4.58 3.58
CA ILE C 349 -31.83 -5.30 4.58
C ILE C 349 -31.48 -4.85 6.00
N HIS C 350 -30.24 -4.41 6.21
CA HIS C 350 -29.81 -3.84 7.47
C HIS C 350 -29.90 -4.80 8.63
N VAL C 351 -29.41 -6.01 8.40
CA VAL C 351 -29.30 -7.00 9.47
C VAL C 351 -27.88 -7.55 9.42
N PRO C 352 -27.42 -8.18 10.51
CA PRO C 352 -26.04 -8.70 10.45
C PRO C 352 -25.86 -9.88 9.48
N VAL C 353 -24.61 -10.03 9.02
CA VAL C 353 -24.20 -11.14 8.17
C VAL C 353 -23.16 -11.95 8.90
N ASP C 354 -23.29 -13.28 8.85
CA ASP C 354 -22.26 -14.16 9.36
C ASP C 354 -22.03 -15.31 8.35
N TYR C 355 -21.00 -16.12 8.60
CA TYR C 355 -20.53 -17.07 7.59
C TYR C 355 -20.49 -18.50 8.11
N SER C 356 -20.76 -19.45 7.23
CA SER C 356 -20.77 -20.85 7.62
C SER C 356 -20.46 -21.74 6.42
N ARG C 357 -20.33 -23.04 6.69
CA ARG C 357 -20.19 -24.07 5.66
C ARG C 357 -21.26 -25.12 5.90
N CYS C 358 -21.78 -25.74 4.85
CA CYS C 358 -22.80 -26.76 5.04
C CYS C 358 -22.50 -28.08 4.35
N GLY C 359 -21.29 -28.21 3.80
CA GLY C 359 -20.80 -29.50 3.33
C GLY C 359 -21.16 -29.95 1.92
N TYR C 360 -20.59 -31.08 1.52
CA TYR C 360 -20.79 -31.66 0.19
C TYR C 360 -22.28 -32.01 -0.07
N GLY C 361 -22.76 -31.73 -1.27
CA GLY C 361 -24.14 -32.01 -1.65
C GLY C 361 -25.18 -31.29 -0.80
N CYS C 362 -24.84 -30.08 -0.36
CA CYS C 362 -25.64 -29.34 0.58
C CYS C 362 -26.97 -28.88 -0.02
N SER C 363 -26.93 -28.24 -1.18
CA SER C 363 -28.15 -27.81 -1.85
C SER C 363 -27.88 -27.51 -3.32
N ASP C 364 -28.89 -27.04 -4.03
CA ASP C 364 -28.84 -26.96 -5.49
C ASP C 364 -27.83 -26.00 -6.09
N HIS C 365 -27.35 -25.01 -5.32
CA HIS C 365 -26.30 -24.12 -5.81
C HIS C 365 -25.05 -24.91 -6.21
N ALA C 366 -24.82 -26.04 -5.55
CA ALA C 366 -23.64 -26.87 -5.81
C ALA C 366 -23.63 -27.42 -7.25
N SER C 367 -24.81 -27.67 -7.81
CA SER C 367 -24.91 -28.18 -9.17
C SER C 367 -24.39 -27.15 -10.17
N TRP C 368 -24.73 -25.89 -9.90
CA TRP C 368 -24.23 -24.78 -10.72
C TRP C 368 -22.73 -24.58 -10.50
N ASN C 369 -22.33 -24.62 -9.22
CA ASN C 369 -20.93 -24.43 -8.86
C ASN C 369 -20.02 -25.48 -9.51
N GLU C 370 -20.53 -26.71 -9.64
CA GLU C 370 -19.77 -27.78 -10.27
C GLU C 370 -19.44 -27.48 -11.74
N GLU C 371 -20.26 -26.67 -12.38
CA GLU C 371 -20.01 -26.30 -13.78
C GLU C 371 -19.34 -24.94 -13.91
N ASP C 372 -18.72 -24.48 -12.81
CA ASP C 372 -18.06 -23.18 -12.74
C ASP C 372 -18.95 -22.01 -13.10
N ILE C 373 -20.22 -22.09 -12.75
CA ILE C 373 -21.11 -20.94 -12.88
C ILE C 373 -21.25 -20.31 -11.50
N PRO C 374 -21.04 -18.97 -11.39
CA PRO C 374 -21.08 -18.29 -10.09
C PRO C 374 -22.42 -18.49 -9.37
N ALA C 375 -22.34 -19.03 -8.16
CA ALA C 375 -23.49 -19.42 -7.38
C ALA C 375 -23.27 -19.05 -5.92
N ALA C 376 -24.34 -18.62 -5.25
CA ALA C 376 -24.24 -18.23 -3.85
C ALA C 376 -25.43 -18.76 -3.05
N PHE C 377 -25.25 -18.84 -1.74
CA PHE C 377 -26.21 -19.51 -0.89
C PHE C 377 -26.36 -18.79 0.44
N PRO C 378 -27.36 -17.91 0.54
CA PRO C 378 -27.77 -17.31 1.83
C PRO C 378 -28.77 -18.23 2.53
N CYS C 379 -28.68 -18.32 3.85
CA CYS C 379 -29.51 -19.26 4.58
C CYS C 379 -29.96 -18.71 5.94
N GLU C 380 -31.01 -19.31 6.49
CA GLU C 380 -31.69 -18.83 7.70
C GLU C 380 -30.83 -18.95 8.96
N THR C 381 -29.94 -19.94 8.99
CA THR C 381 -29.06 -20.21 10.15
C THR C 381 -27.66 -20.65 9.74
N SER C 382 -26.77 -20.71 10.72
CA SER C 382 -25.51 -21.41 10.56
C SER C 382 -25.76 -22.91 10.45
N PHE C 383 -24.76 -23.64 9.95
CA PHE C 383 -24.85 -25.08 9.91
C PHE C 383 -25.03 -25.67 11.31
N ALA C 384 -24.24 -25.14 12.26
CA ALA C 384 -24.22 -25.70 13.60
C ALA C 384 -25.56 -25.51 14.34
N ASP C 385 -26.25 -24.42 14.05
CA ASP C 385 -27.49 -24.10 14.77
C ASP C 385 -28.75 -24.29 13.94
N HIS C 386 -28.72 -25.25 13.02
CA HIS C 386 -29.80 -25.39 12.08
C HIS C 386 -31.09 -25.92 12.74
N ASN C 387 -32.22 -25.67 12.07
CA ASN C 387 -33.53 -26.16 12.49
C ASN C 387 -33.49 -27.67 12.75
N PRO C 388 -33.73 -28.07 14.00
CA PRO C 388 -33.59 -29.47 14.36
C PRO C 388 -34.69 -30.39 13.80
N TYR C 389 -35.76 -29.84 13.21
CA TYR C 389 -36.88 -30.67 12.78
C TYR C 389 -36.92 -30.90 11.27
N ILE C 390 -35.88 -30.46 10.56
CA ILE C 390 -35.74 -30.72 9.12
C ILE C 390 -35.78 -32.22 8.81
N HIS C 391 -36.45 -32.56 7.72
CA HIS C 391 -36.62 -33.95 7.28
C HIS C 391 -37.41 -34.77 8.28
N THR C 392 -38.24 -34.12 9.08
CA THR C 392 -39.16 -34.86 9.94
C THR C 392 -40.54 -34.27 9.75
N SER C 393 -41.53 -34.97 10.29
CA SER C 393 -42.91 -34.51 10.22
C SER C 393 -43.17 -33.30 11.12
N SER C 394 -42.18 -32.92 11.93
CA SER C 394 -42.33 -31.74 12.79
C SER C 394 -41.80 -30.46 12.15
N ASP C 395 -41.37 -30.53 10.89
CA ASP C 395 -40.91 -29.34 10.19
C ASP C 395 -42.10 -28.52 9.74
N LYS C 396 -42.68 -27.78 10.69
CA LYS C 396 -43.97 -27.13 10.49
C LYS C 396 -43.91 -25.60 10.53
N MET C 397 -44.94 -24.98 9.99
CA MET C 397 -44.99 -23.53 9.82
C MET C 397 -44.87 -22.74 11.10
N ASP C 398 -45.41 -23.27 12.19
CA ASP C 398 -45.45 -22.49 13.43
C ASP C 398 -44.06 -22.36 14.07
N LEU C 399 -43.08 -23.07 13.53
CA LEU C 399 -41.70 -22.91 13.98
C LEU C 399 -41.04 -21.70 13.36
N LEU C 400 -41.65 -21.15 12.31
CA LEU C 400 -40.93 -20.25 11.42
C LEU C 400 -41.23 -18.77 11.68
N ASN C 401 -40.39 -17.91 11.12
CA ASN C 401 -40.44 -16.49 11.38
C ASN C 401 -40.67 -15.76 10.06
N LEU C 402 -41.78 -15.05 9.96
CA LEU C 402 -42.18 -14.48 8.67
C LEU C 402 -41.34 -13.26 8.30
N GLU C 403 -40.84 -12.54 9.31
CA GLU C 403 -39.91 -11.42 9.07
C GLU C 403 -38.64 -11.97 8.42
N HIS C 404 -38.16 -13.09 8.93
CA HIS C 404 -37.00 -13.77 8.34
C HIS C 404 -37.30 -14.13 6.88
N MET C 405 -38.42 -14.80 6.63
CA MET C 405 -38.77 -15.20 5.26
C MET C 405 -38.92 -14.01 4.33
N THR C 406 -39.48 -12.92 4.84
CA THR C 406 -39.66 -11.70 4.06
C THR C 406 -38.31 -11.06 3.74
N ASN C 407 -37.39 -11.08 4.69
CA ASN C 407 -36.05 -10.58 4.45
C ASN C 407 -35.35 -11.33 3.30
N PHE C 408 -35.54 -12.66 3.22
CA PHE C 408 -34.89 -13.42 2.14
C PHE C 408 -35.51 -13.08 0.80
N SER C 409 -36.81 -12.85 0.84
CA SER C 409 -37.56 -12.45 -0.33
C SER C 409 -37.03 -11.07 -0.84
N LYS C 410 -36.78 -10.16 0.09
CA LYS C 410 -36.19 -8.85 -0.25
C LYS C 410 -34.81 -9.02 -0.86
N LEU C 411 -34.03 -9.95 -0.30
CA LEU C 411 -32.71 -10.21 -0.85
C LEU C 411 -32.80 -10.66 -2.30
N ALA C 412 -33.76 -11.54 -2.59
CA ALA C 412 -33.97 -12.03 -3.95
C ALA C 412 -34.33 -10.90 -4.91
N VAL C 413 -35.22 -10.01 -4.47
CA VAL C 413 -35.63 -8.88 -5.30
C VAL C 413 -34.46 -7.91 -5.55
N ALA C 414 -33.67 -7.62 -4.52
CA ALA C 414 -32.51 -6.72 -4.67
C ALA C 414 -31.51 -7.31 -5.66
N PHE C 415 -31.25 -8.60 -5.48
CA PHE C 415 -30.35 -9.37 -6.35
C PHE C 415 -30.79 -9.31 -7.81
N ALA C 416 -32.07 -9.60 -8.06
CA ALA C 416 -32.59 -9.62 -9.42
C ALA C 416 -32.46 -8.24 -10.06
N ILE C 417 -32.90 -7.21 -9.35
CA ILE C 417 -32.92 -5.87 -9.92
C ILE C 417 -31.52 -5.29 -10.12
N GLU C 418 -30.65 -5.37 -9.12
CA GLU C 418 -29.31 -4.82 -9.31
C GLU C 418 -28.58 -5.52 -10.49
N LEU C 419 -28.61 -6.84 -10.55
CA LEU C 419 -27.80 -7.55 -11.57
C LEU C 419 -28.45 -7.60 -12.96
N ALA C 420 -29.77 -7.67 -13.03
CA ALA C 420 -30.43 -7.75 -14.33
C ALA C 420 -30.44 -6.39 -15.00
N SER C 421 -30.07 -5.35 -14.25
CA SER C 421 -30.09 -3.99 -14.80
C SER C 421 -28.76 -3.52 -15.40
N GLU C 422 -27.71 -4.33 -15.28
CA GLU C 422 -26.39 -3.98 -15.79
C GLU C 422 -25.91 -4.99 -16.81
N LEU C 423 -25.14 -4.52 -17.79
CA LEU C 423 -24.55 -5.38 -18.82
C LEU C 423 -23.04 -5.25 -18.93
N GLU C 424 -22.43 -6.37 -19.32
CA GLU C 424 -20.99 -6.54 -19.46
C GLU C 424 -20.34 -5.31 -20.09
S SO4 D . 16.39 38.49 19.60
O1 SO4 D . 17.50 39.37 19.29
O2 SO4 D . 16.25 38.38 21.04
O3 SO4 D . 15.17 39.06 19.03
O4 SO4 D . 16.63 37.16 19.04
C1 GOL E . 11.49 38.27 18.30
O1 GOL E . 10.85 39.49 18.01
C2 GOL E . 12.57 37.93 17.25
O2 GOL E . 13.58 37.13 17.84
C3 GOL E . 11.96 37.14 16.10
O3 GOL E . 13.01 36.73 15.23
C1 GOL F . 20.29 22.16 -12.56
O1 GOL F . 19.64 23.26 -11.93
C2 GOL F . 19.51 21.81 -13.81
O2 GOL F . 18.20 21.35 -13.48
C3 GOL F . 19.37 23.03 -14.70
O3 GOL F . 20.66 23.52 -14.96
ZN ZN G . 23.15 32.86 -0.21
ZN ZN H . 20.72 35.10 -0.25
C ACT I . 33.81 41.66 -13.29
O ACT I . 34.60 42.56 -12.92
OXT ACT I . 32.67 42.06 -13.65
CH3 ACT I . 34.19 40.21 -13.27
C ACT J . 17.63 45.07 11.75
O ACT J . 18.38 45.72 12.50
OXT ACT J . 16.79 45.73 11.09
CH3 ACT J . 17.71 43.57 11.64
S SO4 K . 37.99 38.88 16.44
O1 SO4 K . 37.41 40.19 16.13
O2 SO4 K . 38.43 38.85 17.83
O3 SO4 K . 36.99 37.85 16.24
O4 SO4 K . 39.13 38.65 15.55
S SO4 L . 11.62 23.34 5.72
O1 SO4 L . 11.89 24.63 5.11
O2 SO4 L . 10.97 23.53 7.01
O3 SO4 L . 10.75 22.55 4.84
O4 SO4 L . 12.87 22.63 5.94
S SO4 M . 23.64 5.82 -0.66
O1 SO4 M . 23.32 6.37 -1.98
O2 SO4 M . 24.70 6.62 -0.08
O3 SO4 M . 22.48 5.87 0.21
O4 SO4 M . 24.05 4.43 -0.78
S SO4 N . -3.49 -25.31 14.61
O1 SO4 N . -2.43 -24.33 14.40
O2 SO4 N . -4.67 -24.64 15.15
O3 SO4 N . -3.81 -25.90 13.32
O4 SO4 N . -3.05 -26.33 15.56
C1 GOL O . -14.09 5.26 1.36
O1 GOL O . -13.66 3.96 1.01
C2 GOL O . -13.51 5.68 2.70
O2 GOL O . -13.36 7.09 2.70
C3 GOL O . -12.17 4.99 3.02
O3 GOL O . -11.19 5.32 2.04
ZN ZN P . 2.94 -0.39 -0.45
ZN ZN Q . 3.83 0.81 -3.23
S SO4 R . 19.71 -14.70 6.07
O1 SO4 R . 21.03 -14.97 5.50
O2 SO4 R . 19.75 -13.43 6.80
O3 SO4 R . 19.33 -15.78 6.97
O4 SO4 R . 18.73 -14.62 4.98
S SO4 S . -11.96 -19.36 -3.39
O1 SO4 S . -11.95 -18.15 -4.21
O2 SO4 S . -11.18 -19.11 -2.19
O3 SO4 S . -13.34 -19.76 -3.04
O4 SO4 S . -11.37 -20.47 -4.15
S SO4 T . -48.59 -45.12 -10.43
O1 SO4 T . -47.39 -44.73 -11.16
O2 SO4 T . -48.43 -44.77 -9.03
O3 SO4 T . -49.75 -44.43 -11.00
O4 SO4 T . -48.81 -46.57 -10.55
C1 GOL U . -30.77 -16.35 12.67
O1 GOL U . -30.90 -17.74 12.57
C2 GOL U . -30.31 -15.98 14.08
O2 GOL U . -31.40 -15.98 14.98
C3 GOL U . -29.25 -16.98 14.54
O3 GOL U . -28.19 -16.98 13.61
C1 GOL V . -48.74 -41.20 -0.70
O1 GOL V . -47.40 -41.62 -0.52
C2 GOL V . -48.80 -39.90 -1.52
O2 GOL V . -47.70 -39.04 -1.21
C3 GOL V . -48.86 -40.26 -3.00
O3 GOL V . -48.92 -39.09 -3.78
ZN ZN W . -33.47 -28.07 1.47
ZN ZN X . -33.33 -30.98 3.00
S SO4 Y . -36.58 -32.27 -20.81
O1 SO4 Y . -35.95 -31.07 -21.37
O2 SO4 Y . -35.86 -32.66 -19.61
O3 SO4 Y . -37.98 -32.00 -20.49
O4 SO4 Y . -36.52 -33.36 -21.79
#